data_2GUF
#
_entry.id   2GUF
#
_cell.length_a   72.610
_cell.length_b   80.877
_cell.length_c   118.681
_cell.angle_alpha   90.00
_cell.angle_beta   90.00
_cell.angle_gamma   90.00
#
_symmetry.space_group_name_H-M   'P 21 21 21'
#
loop_
_entity.id
_entity.type
_entity.pdbx_description
1 polymer 'Vitamin B12 transporter btuB'
2 non-polymer '[(Z)-octadec-9-enyl] (2R)-2,3-bis(oxidanyl)propanoate'
3 non-polymer 'FORMIC ACID'
4 non-polymer (4S)-2-METHYL-2,4-PENTANEDIOL
5 water water
#
_entity_poly.entity_id   1
_entity_poly.type   'polypeptide(L)'
_entity_poly.pdbx_seq_one_letter_code
;QDTSPDTLVVTANRFEQPRSTVLAPTTVVTRQDIDRWQSTSVNDVLRRLPGVDITQNGGSGQLSSIFIRGTNASHVLVLI
DGVRLNLAGVSGSADLSQFPIALVQRVEYIRGPRSAVYGSDAIGGVVNIITTRDEPGTEISAGWGSNSYQNYDVSTQQQL
GDKTRVTLLGDYAHTHGYDVVAYGNTGTQAQTDNDGFLSKTLYGALEHNFTDAWSGFVRGYGYDNRTNYDAYYSPGSPLL
DTRKLYSQSWDAGLRYNGELIKSQLITSYSHSKDYNYDPHYGRYDSSATLDEMKQYTVQWANNVIVGHGSIGAGVDWQKQ
TTTPGTGYVEDGYDQRNTGIYLTGLQQVGDFTFEGAARSDDNSQFGRHGTWQTSAGWEFIEGYRFIASYGTSYKAPNLGQ
LYGFYGNPNLDPEKSKQWEGAFEGLTAGVNWRISGYRNDVSDLIDYDDHTLKYYNEGKARIKGVEATANFDTGPLTHTVS
YDYVDARNAITDTPLLRRAKQQVKYQLDWQLYDFDWGITYQYLGTRYDKDYSSYPYQTVKMGGVSLWDLAVAYPVTSHLT
VRGKIANLFDKDYETVYGYQTAGREYTLSGSYTF
;
_entity_poly.pdbx_strand_id   A
#
loop_
_chem_comp.id
_chem_comp.type
_chem_comp.name
_chem_comp.formula
FMT non-polymer 'FORMIC ACID' 'C H2 O2'
MPD non-polymer (4S)-2-METHYL-2,4-PENTANEDIOL 'C6 H14 O2'
MPG non-polymer '[(Z)-octadec-9-enyl] (2R)-2,3-bis(oxidanyl)propanoate' 'C21 H40 O4'
#
# COMPACT_ATOMS: atom_id res chain seq x y z
N GLN A 1 -10.04 -6.19 -10.90
CA GLN A 1 -9.97 -4.90 -10.18
C GLN A 1 -10.84 -3.79 -10.83
N ASP A 2 -11.03 -2.68 -10.12
CA ASP A 2 -11.86 -1.59 -10.63
C ASP A 2 -11.13 -0.75 -11.67
N THR A 3 -11.46 -0.94 -12.95
CA THR A 3 -10.69 -0.38 -14.08
C THR A 3 -11.41 0.73 -14.89
N SER A 4 -12.64 1.09 -14.45
CA SER A 4 -13.42 2.21 -14.99
C SER A 4 -12.67 3.56 -14.84
N PRO A 5 -12.62 4.39 -15.94
CA PRO A 5 -12.05 5.75 -15.80
C PRO A 5 -12.93 6.65 -14.91
N ASP A 6 -14.18 6.23 -14.74
CA ASP A 6 -15.15 7.03 -14.01
C ASP A 6 -15.10 6.80 -12.49
N THR A 7 -14.46 5.71 -12.07
CA THR A 7 -14.37 5.41 -10.64
C THR A 7 -13.72 6.54 -9.84
N LEU A 8 -14.29 6.85 -8.69
CA LEU A 8 -13.79 7.94 -7.85
C LEU A 8 -12.63 7.44 -7.02
N VAL A 9 -11.55 8.23 -6.95
CA VAL A 9 -10.51 7.90 -5.98
C VAL A 9 -10.36 9.09 -5.03
N VAL A 10 -9.86 8.86 -3.81
CA VAL A 10 -9.55 10.03 -2.94
C VAL A 10 -8.04 10.25 -2.75
N THR A 11 -7.23 9.34 -3.29
CA THR A 11 -5.86 9.23 -2.79
C THR A 11 -4.93 10.22 -3.53
N ALA A 12 -5.32 10.69 -4.70
CA ALA A 12 -4.45 11.62 -5.44
C ALA A 12 -4.34 12.97 -4.75
N ASN A 13 -5.45 13.56 -4.29
CA ASN A 13 -5.34 14.90 -3.68
C ASN A 13 -6.10 14.96 -2.38
N ARG A 14 -6.41 13.80 -1.83
CA ARG A 14 -7.25 13.64 -0.60
C ARG A 14 -8.75 13.79 -0.80
N PHE A 15 -9.18 14.34 -1.91
CA PHE A 15 -10.64 14.46 -2.14
C PHE A 15 -11.08 13.65 -3.34
N GLU A 16 -12.38 13.42 -3.48
CA GLU A 16 -12.87 12.50 -4.51
C GLU A 16 -12.65 13.15 -5.83
N GLN A 17 -12.17 12.36 -6.81
CA GLN A 17 -12.12 12.77 -8.18
C GLN A 17 -12.16 11.50 -9.02
N PRO A 18 -12.64 11.63 -10.28
CA PRO A 18 -12.59 10.45 -11.15
C PRO A 18 -11.16 10.09 -11.47
N ARG A 19 -10.91 8.79 -11.49
CA ARG A 19 -9.60 8.24 -11.75
C ARG A 19 -9.07 8.79 -13.06
N SER A 20 -9.98 9.03 -14.00
CA SER A 20 -9.60 9.55 -15.33
C SER A 20 -8.95 10.94 -15.28
N THR A 21 -9.18 11.68 -14.19
CA THR A 21 -8.59 12.99 -14.00
C THR A 21 -7.31 12.95 -13.21
N VAL A 22 -6.94 11.79 -12.67
CA VAL A 22 -5.64 11.59 -12.07
C VAL A 22 -4.73 11.17 -13.20
N LEU A 23 -3.70 11.96 -13.43
CA LEU A 23 -2.84 11.74 -14.51
C LEU A 23 -1.79 10.66 -14.23
N ALA A 24 -1.42 10.48 -12.98
CA ALA A 24 -0.52 9.38 -12.56
C ALA A 24 -1.23 8.03 -12.70
N PRO A 25 -0.46 6.93 -12.88
CA PRO A 25 -1.10 5.59 -12.99
C PRO A 25 -1.74 5.22 -11.67
N THR A 26 -2.99 4.74 -11.73
CA THR A 26 -3.76 4.41 -10.53
C THR A 26 -4.26 2.99 -10.70
N THR A 27 -4.29 2.27 -9.57
CA THR A 27 -4.95 1.01 -9.51
C THR A 27 -5.93 1.08 -8.32
N VAL A 28 -7.11 0.49 -8.49
CA VAL A 28 -8.08 0.41 -7.43
C VAL A 28 -8.38 -1.07 -7.29
N VAL A 29 -8.27 -1.53 -6.04
CA VAL A 29 -8.69 -2.87 -5.65
C VAL A 29 -9.92 -2.69 -4.77
N THR A 30 -10.94 -3.55 -4.94
CA THR A 30 -12.13 -3.47 -4.14
C THR A 30 -12.19 -4.69 -3.23
N ARG A 31 -13.08 -4.67 -2.24
CA ARG A 31 -13.31 -5.86 -1.43
C ARG A 31 -13.79 -7.04 -2.28
N GLN A 32 -14.56 -6.79 -3.32
CA GLN A 32 -14.92 -7.86 -4.27
C GLN A 32 -13.67 -8.59 -4.83
N ASP A 33 -12.70 -7.80 -5.26
CA ASP A 33 -11.48 -8.35 -5.82
C ASP A 33 -10.85 -9.21 -4.77
N ILE A 34 -10.70 -8.63 -3.60
CA ILE A 34 -10.01 -9.32 -2.52
C ILE A 34 -10.69 -10.63 -2.23
N ASP A 35 -12.01 -10.59 -2.16
CA ASP A 35 -12.82 -11.75 -1.83
C ASP A 35 -12.69 -12.85 -2.87
N ARG A 36 -12.69 -12.46 -4.13
CA ARG A 36 -12.53 -13.41 -5.23
C ARG A 36 -11.13 -14.01 -5.29
N TRP A 37 -10.11 -13.14 -5.12
CA TRP A 37 -8.70 -13.58 -5.09
C TRP A 37 -8.45 -14.42 -3.87
N GLN A 38 -9.26 -14.24 -2.84
CA GLN A 38 -9.14 -14.95 -1.57
C GLN A 38 -7.83 -14.67 -0.86
N SER A 39 -7.39 -13.42 -0.91
CA SER A 39 -6.13 -13.04 -0.35
C SER A 39 -6.15 -13.18 1.15
N THR A 40 -5.05 -13.66 1.72
CA THR A 40 -4.96 -13.89 3.18
C THR A 40 -3.95 -12.88 3.80
N SER A 41 -3.41 -12.00 3.01
CA SER A 41 -2.44 -11.05 3.52
C SER A 41 -2.46 -9.83 2.60
N VAL A 42 -1.87 -8.70 3.01
CA VAL A 42 -1.88 -7.50 2.21
C VAL A 42 -0.90 -7.75 1.06
N ASN A 43 0.14 -8.52 1.33
CA ASN A 43 1.09 -8.86 0.30
C ASN A 43 0.43 -9.59 -0.85
N ASP A 44 -0.51 -10.48 -0.59
CA ASP A 44 -1.17 -11.10 -1.70
C ASP A 44 -1.95 -10.13 -2.59
N VAL A 45 -2.36 -8.98 -2.06
CA VAL A 45 -3.07 -7.98 -2.85
C VAL A 45 -2.04 -7.22 -3.62
N LEU A 46 -1.02 -6.73 -2.92
CA LEU A 46 -0.03 -5.87 -3.54
C LEU A 46 0.71 -6.56 -4.70
N ARG A 47 1.06 -7.83 -4.49
CA ARG A 47 1.87 -8.64 -5.41
C ARG A 47 1.22 -8.61 -6.78
N ARG A 48 -0.09 -8.32 -6.84
CA ARG A 48 -0.84 -8.38 -8.11
C ARG A 48 -0.79 -7.15 -8.94
N LEU A 49 -0.22 -6.08 -8.43
CA LEU A 49 -0.43 -4.74 -9.00
C LEU A 49 0.79 -4.27 -9.70
N PRO A 50 0.63 -3.29 -10.60
CA PRO A 50 1.75 -2.84 -11.39
C PRO A 50 2.95 -2.42 -10.56
N GLY A 51 4.11 -2.85 -11.03
CA GLY A 51 5.34 -2.41 -10.47
C GLY A 51 5.83 -3.14 -9.24
N VAL A 52 5.00 -4.00 -8.65
CA VAL A 52 5.28 -4.60 -7.34
C VAL A 52 5.90 -5.98 -7.52
N ASP A 53 7.05 -6.15 -6.86
CA ASP A 53 7.87 -7.35 -7.02
C ASP A 53 7.99 -7.81 -5.57
N ILE A 54 7.26 -8.87 -5.21
CA ILE A 54 7.27 -9.42 -3.84
C ILE A 54 7.66 -10.87 -3.90
N THR A 55 8.65 -11.24 -3.10
CA THR A 55 8.96 -12.65 -2.91
C THR A 55 8.95 -12.91 -1.39
N GLN A 56 8.21 -13.94 -0.96
CA GLN A 56 8.26 -14.39 0.45
C GLN A 56 9.06 -15.67 0.48
N LEU A 63 8.28 -12.69 6.54
CA LEU A 63 9.54 -12.49 5.79
C LEU A 63 9.34 -12.34 4.26
N SER A 64 9.63 -11.16 3.72
CA SER A 64 9.40 -10.89 2.29
C SER A 64 10.25 -9.76 1.80
N SER A 65 10.73 -9.88 0.57
CA SER A 65 11.56 -8.86 -0.04
C SER A 65 10.65 -8.18 -1.09
N ILE A 66 10.41 -6.88 -0.93
CA ILE A 66 9.50 -6.15 -1.78
C ILE A 66 10.17 -4.98 -2.46
N PHE A 67 10.03 -4.90 -3.79
CA PHE A 67 10.53 -3.76 -4.54
C PHE A 67 9.40 -3.24 -5.39
N ILE A 68 9.21 -1.92 -5.44
CA ILE A 68 8.14 -1.36 -6.22
C ILE A 68 8.77 -0.33 -7.07
N ARG A 69 8.70 -0.53 -8.38
CA ARG A 69 9.39 0.36 -9.30
C ARG A 69 10.85 0.53 -8.93
N GLY A 70 11.45 -0.58 -8.47
CA GLY A 70 12.88 -0.65 -8.38
C GLY A 70 13.46 -0.19 -7.05
N THR A 71 12.63 0.28 -6.14
CA THR A 71 13.09 0.57 -4.77
C THR A 71 12.34 -0.19 -3.75
N ASN A 72 12.91 -0.29 -2.56
CA ASN A 72 12.26 -1.11 -1.62
C ASN A 72 10.94 -0.44 -1.19
N ALA A 73 10.10 -1.24 -0.58
CA ALA A 73 8.73 -0.82 -0.30
C ALA A 73 8.58 0.41 0.59
N SER A 74 9.64 0.74 1.31
CA SER A 74 9.63 1.87 2.22
C SER A 74 9.54 3.15 1.38
N HIS A 75 9.70 3.05 0.05
CA HIS A 75 9.66 4.22 -0.81
C HIS A 75 8.28 4.38 -1.34
N VAL A 76 7.36 3.54 -0.86
CA VAL A 76 5.99 3.70 -1.25
C VAL A 76 5.23 4.02 0.01
N LEU A 77 4.46 5.10 0.00
CA LEU A 77 3.87 5.45 1.29
C LEU A 77 2.57 4.74 1.46
N VAL A 78 2.43 4.06 2.59
CA VAL A 78 1.20 3.33 2.99
C VAL A 78 0.36 4.16 3.97
N LEU A 79 -0.92 4.35 3.61
CA LEU A 79 -1.86 5.13 4.41
C LEU A 79 -2.93 4.13 4.81
N ILE A 80 -3.55 4.35 5.93
CA ILE A 80 -4.78 3.66 6.28
C ILE A 80 -5.73 4.83 6.34
N ASP A 81 -6.72 4.78 5.44
CA ASP A 81 -7.79 5.76 5.38
C ASP A 81 -7.21 7.15 5.34
N GLY A 82 -6.22 7.33 4.46
CA GLY A 82 -5.62 8.63 4.26
C GLY A 82 -4.60 9.05 5.28
N VAL A 83 -4.33 8.25 6.30
CA VAL A 83 -3.42 8.60 7.39
C VAL A 83 -2.25 7.63 7.37
N ARG A 84 -1.05 8.17 7.37
CA ARG A 84 0.15 7.40 7.40
C ARG A 84 0.10 6.21 8.37
N LEU A 85 0.45 5.02 7.87
CA LEU A 85 0.55 3.89 8.80
C LEU A 85 1.93 3.97 9.38
N ASN A 86 1.99 3.93 10.71
CA ASN A 86 3.29 3.85 11.36
C ASN A 86 4.11 2.60 10.93
N LEU A 87 5.07 2.84 10.03
CA LEU A 87 6.07 1.82 9.63
C LEU A 87 7.50 2.25 9.91
N ALA A 88 7.63 2.98 11.03
CA ALA A 88 8.87 3.52 11.55
C ALA A 88 9.49 2.63 12.61
N GLY A 89 8.88 1.44 12.86
CA GLY A 89 9.47 0.42 13.68
C GLY A 89 10.79 -0.12 13.22
N VAL A 90 11.41 -0.89 14.10
CA VAL A 90 12.71 -1.51 13.84
C VAL A 90 12.76 -2.16 12.47
N SER A 91 11.74 -2.97 12.15
CA SER A 91 11.61 -3.64 10.83
C SER A 91 11.12 -2.78 9.69
N GLY A 92 10.87 -1.48 9.90
CA GLY A 92 10.49 -0.63 8.78
C GLY A 92 9.27 -1.12 8.04
N SER A 93 9.27 -1.04 6.73
CA SER A 93 8.07 -1.40 6.03
C SER A 93 7.76 -2.86 6.05
N ALA A 94 8.67 -3.69 6.53
CA ALA A 94 8.35 -5.10 6.64
C ALA A 94 7.11 -5.32 7.54
N ASP A 95 6.80 -4.35 8.40
CA ASP A 95 5.67 -4.50 9.34
C ASP A 95 4.33 -4.38 8.62
N LEU A 96 4.34 -3.99 7.36
CA LEU A 96 3.12 -3.95 6.61
C LEU A 96 2.45 -5.30 6.66
N SER A 97 3.23 -6.38 6.72
CA SER A 97 2.65 -7.70 6.72
C SER A 97 1.96 -8.01 8.06
N GLN A 98 2.09 -7.14 9.06
CA GLN A 98 1.38 -7.36 10.31
C GLN A 98 -0.05 -6.88 10.19
N PHE A 99 -0.32 -5.99 9.24
CA PHE A 99 -1.65 -5.41 9.07
C PHE A 99 -2.62 -6.41 8.52
N PRO A 100 -3.77 -6.56 9.19
CA PRO A 100 -4.73 -7.59 8.87
C PRO A 100 -5.50 -7.36 7.58
N ILE A 101 -5.48 -8.37 6.73
CA ILE A 101 -6.23 -8.37 5.51
C ILE A 101 -7.71 -8.13 5.87
N ALA A 102 -8.14 -8.52 7.05
CA ALA A 102 -9.58 -8.47 7.33
C ALA A 102 -10.12 -7.04 7.22
N LEU A 103 -9.22 -6.05 7.26
CA LEU A 103 -9.63 -4.65 7.39
C LEU A 103 -9.53 -3.90 6.04
N VAL A 104 -8.92 -4.51 5.02
CA VAL A 104 -8.76 -3.86 3.71
C VAL A 104 -10.07 -4.00 3.03
N GLN A 105 -10.74 -2.88 2.82
CA GLN A 105 -12.02 -2.91 2.10
C GLN A 105 -11.80 -2.34 0.73
N ARG A 106 -10.70 -1.60 0.59
CA ARG A 106 -10.33 -1.03 -0.74
C ARG A 106 -8.92 -0.59 -0.65
N VAL A 107 -8.24 -0.59 -1.80
CA VAL A 107 -6.87 -0.16 -1.85
C VAL A 107 -6.80 0.78 -3.06
N GLU A 108 -6.33 2.00 -2.83
CA GLU A 108 -6.04 2.88 -3.98
C GLU A 108 -4.57 3.02 -4.03
N TYR A 109 -4.02 2.81 -5.22
CA TYR A 109 -2.57 2.74 -5.38
C TYR A 109 -2.20 3.62 -6.57
N ILE A 110 -1.45 4.71 -6.31
CA ILE A 110 -1.13 5.67 -7.32
C ILE A 110 0.35 5.68 -7.37
N ARG A 111 0.87 5.39 -8.54
CA ARG A 111 2.29 5.28 -8.70
C ARG A 111 2.90 6.63 -9.03
N GLY A 112 4.20 6.76 -8.80
CA GLY A 112 4.83 8.02 -9.09
C GLY A 112 4.90 8.82 -7.80
N PRO A 113 5.65 9.94 -7.79
CA PRO A 113 5.90 10.64 -6.52
C PRO A 113 4.60 11.28 -6.00
N ARG A 114 4.43 11.44 -4.68
CA ARG A 114 3.31 12.22 -4.13
C ARG A 114 3.74 12.82 -2.79
N SER A 115 5.05 13.14 -2.68
CA SER A 115 5.50 13.83 -1.45
C SER A 115 4.83 15.21 -1.43
N ALA A 116 4.58 15.76 -2.62
CA ALA A 116 4.00 17.09 -2.74
C ALA A 116 2.56 17.19 -2.20
N VAL A 117 1.97 16.06 -1.80
CA VAL A 117 0.71 16.08 -1.14
C VAL A 117 0.95 15.53 0.27
N TYR A 118 1.69 14.41 0.39
CA TYR A 118 1.74 13.65 1.67
C TYR A 118 3.01 13.78 2.46
N GLY A 119 4.07 14.32 1.89
CA GLY A 119 5.24 14.38 2.71
C GLY A 119 6.17 13.24 2.48
N SER A 120 7.01 13.00 3.46
CA SER A 120 8.03 11.98 3.38
C SER A 120 7.50 10.57 3.02
N ASP A 121 8.28 9.83 2.23
CA ASP A 121 8.09 8.42 1.90
C ASP A 121 7.39 8.19 0.59
N ALA A 122 6.60 9.12 0.11
CA ALA A 122 5.86 8.86 -1.17
C ALA A 122 6.71 9.10 -2.38
N ILE A 123 7.68 8.22 -2.62
CA ILE A 123 8.59 8.47 -3.74
C ILE A 123 8.10 7.57 -4.86
N GLY A 124 7.97 6.29 -4.58
CA GLY A 124 7.57 5.39 -5.67
C GLY A 124 6.07 5.38 -5.97
N GLY A 125 5.26 5.65 -4.96
CA GLY A 125 3.81 5.75 -5.08
C GLY A 125 3.21 5.92 -3.70
N VAL A 126 1.90 5.74 -3.62
CA VAL A 126 1.17 5.80 -2.40
C VAL A 126 0.20 4.66 -2.49
N VAL A 127 0.07 3.95 -1.41
CA VAL A 127 -0.94 2.86 -1.30
C VAL A 127 -1.84 3.24 -0.14
N ASN A 128 -3.14 3.43 -0.42
CA ASN A 128 -4.09 3.79 0.60
C ASN A 128 -5.09 2.67 0.83
N ILE A 129 -4.95 2.07 1.97
CA ILE A 129 -5.77 0.96 2.38
C ILE A 129 -6.91 1.64 3.04
N ILE A 130 -8.07 1.48 2.43
CA ILE A 130 -9.27 2.07 2.94
C ILE A 130 -10.05 0.98 3.66
N THR A 131 -10.45 1.28 4.91
CA THR A 131 -11.08 0.30 5.80
C THR A 131 -12.60 0.42 5.87
N THR A 132 -13.15 1.37 5.15
CA THR A 132 -14.60 1.59 5.29
C THR A 132 -15.23 1.20 3.96
N ARG A 133 -16.43 0.61 4.02
CA ARG A 133 -17.17 0.41 2.77
C ARG A 133 -18.64 0.41 3.02
N ASP A 134 -19.38 0.88 2.01
CA ASP A 134 -20.83 0.92 2.11
C ASP A 134 -21.42 -0.43 1.66
N GLU A 135 -21.78 -1.25 2.63
CA GLU A 135 -22.21 -2.60 2.40
C GLU A 135 -22.99 -3.02 3.65
N PRO A 136 -24.28 -2.59 3.76
CA PRO A 136 -25.00 -2.83 5.03
C PRO A 136 -25.39 -4.30 5.19
N GLY A 137 -25.53 -4.74 6.43
CA GLY A 137 -25.82 -6.12 6.72
C GLY A 137 -24.76 -6.81 7.55
N THR A 138 -24.77 -8.13 7.51
CA THR A 138 -23.92 -8.93 8.35
C THR A 138 -23.39 -10.09 7.56
N GLU A 139 -22.10 -10.32 7.66
CA GLU A 139 -21.47 -11.40 6.98
C GLU A 139 -20.74 -12.18 8.04
N ILE A 140 -20.80 -13.50 7.91
CA ILE A 140 -19.99 -14.44 8.68
C ILE A 140 -19.14 -15.20 7.65
N SER A 141 -17.83 -15.27 7.88
CA SER A 141 -16.90 -15.91 6.95
C SER A 141 -16.01 -16.79 7.74
N ALA A 142 -15.44 -17.77 7.06
CA ALA A 142 -14.41 -18.58 7.66
C ALA A 142 -13.73 -19.34 6.59
N GLY A 143 -12.50 -19.73 6.88
CA GLY A 143 -11.66 -20.37 5.90
C GLY A 143 -10.74 -21.35 6.57
N TRP A 144 -10.31 -22.33 5.81
CA TRP A 144 -9.34 -23.29 6.31
C TRP A 144 -8.45 -23.57 5.17
N GLY A 145 -7.26 -24.06 5.43
CA GLY A 145 -6.38 -24.36 4.33
C GLY A 145 -5.09 -24.97 4.77
N SER A 146 -4.12 -24.97 3.85
CA SER A 146 -2.80 -25.52 4.07
C SER A 146 -2.03 -24.95 5.25
N ASN A 147 -1.26 -25.83 5.89
CA ASN A 147 -0.46 -25.43 7.04
C ASN A 147 -1.35 -24.98 8.19
N SER A 148 -2.43 -25.73 8.41
CA SER A 148 -3.39 -25.49 9.50
C SER A 148 -4.02 -24.08 9.50
N TYR A 149 -4.11 -23.47 8.32
CA TYR A 149 -4.70 -22.15 8.19
C TYR A 149 -6.14 -22.17 8.70
N GLN A 150 -6.52 -21.18 9.53
CA GLN A 150 -7.91 -21.07 10.05
C GLN A 150 -8.25 -19.60 10.02
N ASN A 151 -9.40 -19.25 9.49
CA ASN A 151 -9.88 -17.86 9.57
C ASN A 151 -11.35 -17.78 9.95
N TYR A 152 -11.72 -16.87 10.84
CA TYR A 152 -13.12 -16.68 11.21
C TYR A 152 -13.36 -15.18 11.30
N ASP A 153 -14.49 -14.73 10.81
CA ASP A 153 -14.75 -13.31 10.65
C ASP A 153 -16.25 -13.07 10.76
N VAL A 154 -16.61 -12.09 11.57
CA VAL A 154 -17.96 -11.55 11.67
C VAL A 154 -17.84 -10.02 11.46
N SER A 155 -18.65 -9.46 10.57
CA SER A 155 -18.80 -8.03 10.49
C SER A 155 -20.26 -7.70 10.25
N THR A 156 -20.63 -6.49 10.63
CA THR A 156 -21.97 -6.02 10.46
C THR A 156 -21.84 -4.54 10.29
N GLN A 157 -22.78 -3.97 9.55
CA GLN A 157 -22.82 -2.56 9.25
C GLN A 157 -24.30 -2.24 9.27
N GLN A 158 -24.69 -1.39 10.22
CA GLN A 158 -26.12 -1.15 10.51
C GLN A 158 -26.35 0.34 10.52
N GLN A 159 -27.50 0.76 9.98
CA GLN A 159 -27.95 2.14 10.13
C GLN A 159 -28.64 2.26 11.48
N LEU A 160 -28.16 3.22 12.26
CA LEU A 160 -28.75 3.56 13.53
C LEU A 160 -29.48 4.89 13.36
N GLY A 161 -30.52 4.88 12.53
CA GLY A 161 -31.21 6.08 12.15
C GLY A 161 -30.66 6.58 10.84
N ASP A 162 -31.38 7.52 10.23
CA ASP A 162 -31.02 8.01 8.91
C ASP A 162 -29.63 8.59 8.88
N LYS A 163 -29.22 9.19 9.99
CA LYS A 163 -27.95 9.93 9.99
C LYS A 163 -26.69 9.10 10.36
N THR A 164 -26.87 7.97 11.04
CA THR A 164 -25.78 7.25 11.71
C THR A 164 -25.59 5.80 11.25
N ARG A 165 -24.35 5.44 10.95
CA ARG A 165 -23.99 4.11 10.50
C ARG A 165 -22.87 3.64 11.40
N VAL A 166 -23.03 2.46 12.00
CA VAL A 166 -21.96 1.76 12.75
C VAL A 166 -21.56 0.49 12.00
N THR A 167 -20.25 0.23 11.97
CA THR A 167 -19.67 -0.95 11.40
C THR A 167 -18.85 -1.60 12.48
N LEU A 168 -18.94 -2.91 12.60
CA LEU A 168 -18.16 -3.65 13.60
C LEU A 168 -17.59 -4.87 12.92
N LEU A 169 -16.37 -5.25 13.25
CA LEU A 169 -15.77 -6.39 12.61
C LEU A 169 -14.89 -7.06 13.64
N GLY A 170 -14.85 -8.38 13.62
CA GLY A 170 -13.87 -9.12 14.41
C GLY A 170 -13.31 -10.20 13.53
N ASP A 171 -12.04 -10.53 13.71
CA ASP A 171 -11.42 -11.50 12.79
C ASP A 171 -10.36 -12.25 13.52
N TYR A 172 -10.32 -13.57 13.30
CA TYR A 172 -9.36 -14.45 13.94
C TYR A 172 -8.68 -15.12 12.76
N ALA A 173 -7.37 -14.99 12.66
CA ALA A 173 -6.62 -15.65 11.59
C ALA A 173 -5.40 -16.31 12.18
N HIS A 174 -5.17 -17.55 11.77
CA HIS A 174 -4.07 -18.37 12.26
C HIS A 174 -3.52 -19.23 11.15
N THR A 175 -2.23 -19.02 10.87
CA THR A 175 -1.43 -19.51 9.73
C THR A 175 -0.15 -20.10 10.30
N HIS A 176 0.13 -21.39 10.13
CA HIS A 176 1.42 -21.96 10.62
C HIS A 176 2.56 -21.91 9.61
N ASP A 195 4.00 -22.06 16.51
CA ASP A 195 2.62 -22.02 16.07
C ASP A 195 2.39 -20.94 15.01
N GLY A 196 3.41 -20.58 14.23
CA GLY A 196 3.25 -19.64 13.09
C GLY A 196 2.82 -18.18 13.34
N PHE A 197 1.65 -17.79 12.88
CA PHE A 197 1.19 -16.40 12.96
C PHE A 197 -0.27 -16.33 13.28
N LEU A 198 -0.57 -15.89 14.50
CA LEU A 198 -1.95 -15.72 15.00
C LEU A 198 -2.25 -14.21 14.97
N SER A 199 -3.45 -13.86 14.56
CA SER A 199 -3.73 -12.47 14.38
C SER A 199 -5.20 -12.24 14.68
N LYS A 200 -5.46 -11.40 15.66
CA LYS A 200 -6.82 -11.16 16.13
C LYS A 200 -7.09 -9.67 16.00
N THR A 201 -8.16 -9.33 15.32
CA THR A 201 -8.46 -7.99 15.02
C THR A 201 -9.88 -7.68 15.46
N LEU A 202 -10.06 -6.45 15.91
CA LEU A 202 -11.37 -5.86 16.18
C LEU A 202 -11.40 -4.52 15.49
N TYR A 203 -12.58 -4.08 15.05
CA TYR A 203 -12.69 -2.83 14.32
C TYR A 203 -14.09 -2.30 14.55
N GLY A 204 -14.21 -1.03 14.92
CA GLY A 204 -15.53 -0.36 15.01
C GLY A 204 -15.42 1.03 14.37
N ALA A 205 -16.44 1.44 13.63
CA ALA A 205 -16.49 2.77 13.04
C ALA A 205 -17.88 3.33 13.22
N LEU A 206 -17.95 4.63 13.53
CA LEU A 206 -19.20 5.39 13.59
C LEU A 206 -19.14 6.44 12.52
N GLU A 207 -20.17 6.52 11.68
CA GLU A 207 -20.25 7.56 10.66
C GLU A 207 -21.57 8.29 10.89
N HIS A 208 -21.52 9.62 11.00
CA HIS A 208 -22.68 10.44 11.31
C HIS A 208 -22.76 11.64 10.38
N ASN A 209 -23.93 11.88 9.78
CA ASN A 209 -24.18 13.13 9.08
C ASN A 209 -24.93 14.07 9.99
N PHE A 210 -24.27 15.08 10.53
CA PHE A 210 -24.97 16.07 11.35
C PHE A 210 -25.97 16.79 10.46
N THR A 211 -25.53 17.17 9.25
CA THR A 211 -26.42 17.75 8.23
C THR A 211 -26.09 17.09 6.92
N ASP A 212 -26.61 17.64 5.83
CA ASP A 212 -26.25 17.11 4.52
C ASP A 212 -24.82 17.48 4.12
N ALA A 213 -24.33 18.60 4.64
CA ALA A 213 -22.97 19.01 4.32
C ALA A 213 -21.96 18.58 5.39
N TRP A 214 -22.36 18.59 6.65
CA TRP A 214 -21.42 18.25 7.70
C TRP A 214 -21.53 16.80 8.10
N SER A 215 -20.39 16.13 8.19
CA SER A 215 -20.33 14.76 8.66
C SER A 215 -19.15 14.57 9.60
N GLY A 216 -19.23 13.50 10.39
CA GLY A 216 -18.12 13.18 11.31
C GLY A 216 -17.97 11.69 11.38
N PHE A 217 -16.82 11.23 11.86
CA PHE A 217 -16.64 9.80 12.09
C PHE A 217 -15.67 9.58 13.21
N VAL A 218 -15.84 8.45 13.88
CA VAL A 218 -14.87 7.92 14.83
C VAL A 218 -14.65 6.47 14.47
N ARG A 219 -13.40 6.04 14.40
CA ARG A 219 -13.05 4.70 13.98
C ARG A 219 -11.97 4.27 14.91
N GLY A 220 -12.09 3.05 15.40
CA GLY A 220 -11.02 2.52 16.21
C GLY A 220 -10.84 1.10 15.77
N TYR A 221 -9.60 0.67 15.73
CA TYR A 221 -9.36 -0.76 15.58
C TYR A 221 -8.00 -1.15 16.13
N GLY A 222 -7.83 -2.45 16.29
CA GLY A 222 -6.58 -2.96 16.78
C GLY A 222 -6.45 -4.43 16.46
N TYR A 223 -5.25 -4.93 16.66
CA TYR A 223 -5.04 -6.36 16.50
C TYR A 223 -3.90 -6.80 17.37
N ASP A 224 -3.94 -8.07 17.79
CA ASP A 224 -2.87 -8.66 18.57
C ASP A 224 -2.32 -9.70 17.65
N ASN A 225 -1.06 -9.54 17.19
CA ASN A 225 -0.44 -10.56 16.35
C ASN A 225 0.68 -11.30 17.07
N ARG A 226 0.62 -12.63 17.05
CA ARG A 226 1.71 -13.41 17.60
C ARG A 226 2.42 -14.10 16.46
N THR A 227 3.74 -13.95 16.39
CA THR A 227 4.51 -14.57 15.33
C THR A 227 5.57 -15.39 16.00
N ASN A 228 5.67 -16.66 15.64
CA ASN A 228 6.85 -17.45 15.96
C ASN A 228 7.75 -17.52 14.73
N TYR A 229 8.90 -16.86 14.81
CA TYR A 229 9.89 -16.93 13.75
C TYR A 229 10.69 -18.27 13.80
N ASP A 241 12.57 -14.16 18.51
CA ASP A 241 12.05 -15.26 17.75
C ASP A 241 10.60 -15.70 18.13
N THR A 242 10.09 -15.26 19.29
CA THR A 242 8.65 -15.02 19.40
C THR A 242 8.39 -13.51 19.37
N ARG A 243 7.35 -13.11 18.64
CA ARG A 243 6.95 -11.73 18.58
C ARG A 243 5.52 -11.61 19.00
N LYS A 244 5.25 -10.64 19.87
CA LYS A 244 3.86 -10.26 20.13
C LYS A 244 3.69 -8.81 19.97
N LEU A 245 2.82 -8.46 19.03
CA LEU A 245 2.59 -7.11 18.64
C LEU A 245 1.13 -6.83 19.04
N TYR A 246 0.90 -5.77 19.80
CA TYR A 246 -0.44 -5.29 20.13
C TYR A 246 -0.54 -3.89 19.57
N SER A 247 -1.50 -3.67 18.68
CA SER A 247 -1.58 -2.42 18.00
C SER A 247 -3.02 -1.92 18.08
N GLN A 248 -3.14 -0.60 18.26
CA GLN A 248 -4.43 0.09 18.21
C GLN A 248 -4.30 1.38 17.47
N SER A 249 -5.39 1.77 16.82
CA SER A 249 -5.37 2.95 16.05
C SER A 249 -6.75 3.55 16.16
N TRP A 250 -6.80 4.84 16.51
CA TRP A 250 -8.07 5.57 16.64
C TRP A 250 -8.09 6.80 15.73
N ASP A 251 -9.19 7.07 15.06
CA ASP A 251 -9.23 8.21 14.14
C ASP A 251 -10.55 8.86 14.38
N ALA A 252 -10.59 10.18 14.26
CA ALA A 252 -11.84 10.94 14.42
C ALA A 252 -11.76 12.01 13.39
N GLY A 253 -12.88 12.36 12.82
CA GLY A 253 -12.80 13.32 11.73
C GLY A 253 -14.07 14.10 11.53
N LEU A 254 -13.93 15.27 10.94
CA LEU A 254 -15.09 16.10 10.60
C LEU A 254 -14.96 16.44 9.16
N ARG A 255 -16.06 16.45 8.44
CA ARG A 255 -15.97 16.74 7.02
C ARG A 255 -17.10 17.63 6.63
N TYR A 256 -16.78 18.57 5.77
CA TYR A 256 -17.76 19.45 5.22
C TYR A 256 -17.75 19.21 3.77
N ASN A 257 -18.92 18.89 3.23
CA ASN A 257 -19.03 18.71 1.80
C ASN A 257 -20.03 19.70 1.25
N GLY A 258 -19.53 20.83 0.75
CA GLY A 258 -20.41 21.85 0.18
C GLY A 258 -20.58 21.67 -1.29
N GLU A 259 -21.35 22.57 -1.92
CA GLU A 259 -21.45 22.64 -3.39
C GLU A 259 -20.06 22.74 -4.06
N LEU A 260 -19.22 23.64 -3.54
CA LEU A 260 -17.90 23.91 -4.13
C LEU A 260 -16.78 23.60 -3.16
N ILE A 261 -17.02 23.90 -1.89
CA ILE A 261 -15.96 23.79 -0.90
C ILE A 261 -16.06 22.49 -0.17
N LYS A 262 -14.91 21.86 0.00
CA LYS A 262 -14.86 20.66 0.81
C LYS A 262 -13.71 20.84 1.79
N SER A 263 -13.90 20.32 2.98
CA SER A 263 -12.87 20.40 4.01
C SER A 263 -12.90 19.15 4.80
N GLN A 264 -11.76 18.75 5.36
CA GLN A 264 -11.79 17.63 6.26
C GLN A 264 -10.81 17.89 7.35
N LEU A 265 -11.16 17.52 8.55
CA LEU A 265 -10.25 17.62 9.67
C LEU A 265 -10.21 16.26 10.28
N ILE A 266 -9.02 15.71 10.39
CA ILE A 266 -8.87 14.36 10.89
C ILE A 266 -7.84 14.33 12.00
N THR A 267 -8.14 13.68 13.11
CA THR A 267 -7.12 13.49 14.11
C THR A 267 -6.97 11.98 14.29
N SER A 268 -5.74 11.49 14.46
CA SER A 268 -5.49 10.07 14.65
C SER A 268 -4.49 9.79 15.69
N TYR A 269 -4.61 8.61 16.27
CA TYR A 269 -3.64 8.18 17.24
C TYR A 269 -3.51 6.71 17.08
N SER A 270 -2.29 6.23 17.00
CA SER A 270 -2.05 4.81 16.89
C SER A 270 -0.98 4.47 17.90
N HIS A 271 -1.05 3.26 18.46
CA HIS A 271 -0.17 2.87 19.55
C HIS A 271 0.12 1.41 19.35
N SER A 272 1.38 1.02 19.46
CA SER A 272 1.70 -0.40 19.43
C SER A 272 2.75 -0.76 20.49
N LYS A 273 2.61 -1.95 21.06
CA LYS A 273 3.65 -2.54 21.88
C LYS A 273 4.13 -3.79 21.16
N ASP A 274 5.44 -3.87 20.93
CA ASP A 274 6.00 -4.93 20.14
C ASP A 274 7.08 -5.62 20.96
N TYR A 275 6.81 -6.87 21.33
CA TYR A 275 7.66 -7.70 22.19
C TYR A 275 8.31 -8.72 21.30
N ASN A 276 9.63 -8.85 21.40
CA ASN A 276 10.37 -9.89 20.71
C ASN A 276 11.28 -10.53 21.71
N TYR A 277 11.14 -11.85 21.87
CA TYR A 277 11.91 -12.52 22.89
C TYR A 277 12.03 -13.99 22.54
N ASP A 278 12.97 -14.65 23.19
CA ASP A 278 13.09 -16.10 23.14
C ASP A 278 12.16 -16.72 24.15
N PRO A 279 11.22 -17.55 23.67
CA PRO A 279 10.23 -18.05 24.60
C PRO A 279 10.80 -19.00 25.67
N HIS A 280 12.06 -19.44 25.56
CA HIS A 280 12.68 -20.19 26.64
C HIS A 280 12.93 -19.34 27.86
N TYR A 281 12.90 -18.03 27.67
CA TYR A 281 13.29 -17.10 28.75
C TYR A 281 12.23 -16.06 29.01
N GLY A 282 11.45 -15.71 27.98
CA GLY A 282 10.29 -14.83 28.17
C GLY A 282 10.56 -13.39 27.89
N ARG A 283 9.50 -12.58 28.06
CA ARG A 283 9.48 -11.24 27.53
C ARG A 283 10.35 -10.30 28.33
N TYR A 284 10.74 -10.73 29.52
CA TYR A 284 11.57 -9.90 30.42
C TYR A 284 13.02 -10.29 30.36
N ASP A 285 13.35 -11.30 29.59
CA ASP A 285 14.71 -11.76 29.58
C ASP A 285 15.60 -10.60 29.19
N SER A 286 16.85 -10.54 29.64
CA SER A 286 17.72 -9.43 29.24
C SER A 286 17.94 -9.26 27.74
N SER A 287 17.81 -10.29 26.96
CA SER A 287 18.01 -10.02 25.55
C SER A 287 16.65 -9.87 24.79
N ALA A 288 15.53 -9.99 25.49
CA ALA A 288 14.25 -9.58 24.92
C ALA A 288 14.16 -8.07 24.67
N THR A 289 13.28 -7.67 23.76
CA THR A 289 13.08 -6.27 23.50
C THR A 289 11.59 -5.95 23.57
N LEU A 290 11.28 -4.71 23.92
CA LEU A 290 9.91 -4.22 23.83
C LEU A 290 10.04 -2.85 23.19
N ASP A 291 9.35 -2.61 22.10
CA ASP A 291 9.30 -1.27 21.55
C ASP A 291 7.88 -0.81 21.62
N GLU A 292 7.63 0.29 22.32
CA GLU A 292 6.30 0.91 22.30
C GLU A 292 6.40 2.10 21.34
N MET A 293 5.50 2.19 20.38
CA MET A 293 5.51 3.27 19.38
C MET A 293 4.18 3.95 19.43
N LYS A 294 4.16 5.26 19.21
CA LYS A 294 2.91 6.01 19.05
C LYS A 294 3.05 6.94 17.88
N GLN A 295 1.92 7.30 17.29
CA GLN A 295 1.86 8.21 16.21
C GLN A 295 0.64 9.06 16.41
N TYR A 296 0.84 10.39 16.39
CA TYR A 296 -0.28 11.29 16.54
C TYR A 296 -0.33 12.03 15.23
N THR A 297 -1.51 12.29 14.70
CA THR A 297 -1.65 13.11 13.49
C THR A 297 -2.76 14.12 13.64
N VAL A 298 -2.54 15.36 13.15
CA VAL A 298 -3.68 16.29 13.00
C VAL A 298 -3.60 16.80 11.62
N GLN A 299 -4.67 16.64 10.84
CA GLN A 299 -4.58 17.03 9.45
C GLN A 299 -5.78 17.81 8.99
N TRP A 300 -5.56 18.92 8.29
CA TRP A 300 -6.69 19.73 7.84
C TRP A 300 -6.49 19.92 6.39
N ALA A 301 -7.52 19.57 5.58
CA ALA A 301 -7.35 19.58 4.14
C ALA A 301 -8.55 20.29 3.55
N ASN A 302 -8.33 21.08 2.55
CA ASN A 302 -9.41 21.82 1.92
C ASN A 302 -9.33 21.72 0.44
N ASN A 303 -10.48 21.82 -0.21
CA ASN A 303 -10.50 21.70 -1.64
C ASN A 303 -11.71 22.49 -2.12
N VAL A 304 -11.57 23.17 -3.24
CA VAL A 304 -12.71 23.82 -3.79
C VAL A 304 -12.73 23.61 -5.30
N ILE A 305 -13.94 23.45 -5.83
CA ILE A 305 -14.18 23.25 -7.24
C ILE A 305 -14.15 24.62 -7.83
N VAL A 306 -13.24 24.86 -8.76
CA VAL A 306 -13.07 26.19 -9.36
C VAL A 306 -12.66 25.99 -10.80
N GLY A 307 -13.13 26.85 -11.69
CA GLY A 307 -13.04 26.67 -13.16
C GLY A 307 -13.42 25.27 -13.57
N HIS A 308 -12.53 24.62 -14.32
CA HIS A 308 -12.78 23.23 -14.73
C HIS A 308 -11.81 22.30 -13.98
N GLY A 309 -11.99 22.15 -12.67
CA GLY A 309 -11.08 21.40 -11.82
C GLY A 309 -11.27 21.84 -10.38
N SER A 310 -10.16 21.89 -9.65
CA SER A 310 -10.18 22.27 -8.29
C SER A 310 -8.84 22.84 -7.92
N ILE A 311 -8.79 23.52 -6.77
CA ILE A 311 -7.56 23.78 -6.06
C ILE A 311 -7.72 23.37 -4.62
N GLY A 312 -6.66 23.12 -3.91
CA GLY A 312 -6.77 22.59 -2.58
C GLY A 312 -5.56 22.98 -1.78
N ALA A 313 -5.67 22.98 -0.46
CA ALA A 313 -4.50 23.18 0.37
C ALA A 313 -4.73 22.52 1.68
N GLY A 314 -3.67 22.28 2.44
CA GLY A 314 -3.88 21.51 3.67
C GLY A 314 -2.65 21.74 4.53
N VAL A 315 -2.81 21.50 5.82
CA VAL A 315 -1.66 21.58 6.73
C VAL A 315 -1.82 20.37 7.61
N ASP A 316 -0.73 19.75 8.04
CA ASP A 316 -0.85 18.65 8.97
C ASP A 316 0.37 18.66 9.86
N TRP A 317 0.22 18.00 10.98
CA TRP A 317 1.28 17.87 11.96
C TRP A 317 1.23 16.39 12.34
N GLN A 318 2.37 15.80 12.55
CA GLN A 318 2.44 14.41 12.79
C GLN A 318 3.62 14.20 13.71
N LYS A 319 3.48 13.26 14.62
CA LYS A 319 4.59 12.93 15.47
C LYS A 319 4.63 11.42 15.67
N GLN A 320 5.82 10.84 15.63
CA GLN A 320 6.00 9.42 15.94
C GLN A 320 6.94 9.31 17.09
N THR A 321 6.69 8.40 18.01
CA THR A 321 7.64 8.24 19.10
C THR A 321 7.89 6.78 19.23
N THR A 322 9.05 6.43 19.75
CA THR A 322 9.34 5.10 20.09
C THR A 322 10.08 5.08 21.42
N THR A 323 9.76 4.12 22.26
CA THR A 323 10.38 3.90 23.56
C THR A 323 10.70 2.43 23.72
N PRO A 324 11.94 2.12 24.06
CA PRO A 324 12.27 0.70 24.17
C PRO A 324 11.78 0.06 25.49
N GLY A 325 12.59 -0.82 26.04
CA GLY A 325 12.12 -1.69 27.10
C GLY A 325 11.21 -1.09 28.15
N THR A 326 11.48 0.15 28.50
CA THR A 326 11.10 0.68 29.81
C THR A 326 9.69 1.27 29.93
N GLY A 327 9.28 2.03 28.91
CA GLY A 327 8.03 2.79 28.97
C GLY A 327 8.28 4.27 29.28
N TYR A 328 9.51 4.59 29.69
CA TYR A 328 9.86 5.97 30.03
C TYR A 328 10.29 6.67 28.72
N VAL A 329 9.55 7.69 28.30
CA VAL A 329 9.82 8.32 27.01
C VAL A 329 11.19 9.00 26.92
N GLU A 330 11.83 9.23 28.07
CA GLU A 330 13.19 9.80 28.14
C GLU A 330 14.20 8.83 27.54
N ASP A 331 13.79 7.56 27.54
CA ASP A 331 14.59 6.47 27.01
C ASP A 331 14.42 6.33 25.51
N GLY A 332 13.48 7.07 24.93
CA GLY A 332 13.16 6.88 23.50
C GLY A 332 13.48 8.04 22.60
N TYR A 333 12.80 8.08 21.45
CA TYR A 333 13.16 9.00 20.39
C TYR A 333 11.85 9.50 19.80
N ASP A 334 11.87 10.62 19.10
CA ASP A 334 10.62 11.00 18.43
C ASP A 334 10.93 11.80 17.24
N GLN A 335 10.01 11.87 16.28
CA GLN A 335 10.24 12.71 15.18
C GLN A 335 8.95 13.37 14.97
N ARG A 336 9.03 14.64 14.58
CA ARG A 336 7.83 15.40 14.27
C ARG A 336 7.90 16.01 12.97
N ASN A 337 6.73 16.30 12.42
CA ASN A 337 6.74 16.99 11.18
C ASN A 337 5.50 17.85 11.02
N THR A 338 5.69 19.06 10.52
CA THR A 338 4.58 19.91 10.13
C THR A 338 4.71 20.20 8.66
N GLY A 339 3.62 20.00 7.91
CA GLY A 339 3.75 20.34 6.49
C GLY A 339 2.55 21.13 6.02
N ILE A 340 2.74 21.76 4.90
CA ILE A 340 1.70 22.54 4.27
C ILE A 340 1.79 22.29 2.78
N TYR A 341 0.66 22.21 2.06
CA TYR A 341 0.70 21.78 0.69
C TYR A 341 -0.41 22.50 -0.08
N LEU A 342 -0.20 22.59 -1.38
CA LEU A 342 -1.10 23.19 -2.31
C LEU A 342 -1.34 22.14 -3.45
N THR A 343 -2.57 22.05 -3.95
CA THR A 343 -2.85 21.14 -5.08
C THR A 343 -3.70 21.93 -6.11
N GLY A 344 -3.56 21.59 -7.39
CA GLY A 344 -4.48 22.15 -8.37
C GLY A 344 -4.74 21.13 -9.46
N LEU A 345 -5.96 21.13 -10.01
CA LEU A 345 -6.30 20.33 -11.20
C LEU A 345 -7.09 21.25 -12.12
N GLN A 346 -6.71 21.36 -13.38
CA GLN A 346 -7.53 22.14 -14.33
C GLN A 346 -7.58 21.49 -15.68
N GLN A 347 -8.76 21.48 -16.29
CA GLN A 347 -8.89 20.99 -17.65
C GLN A 347 -9.04 22.23 -18.48
N VAL A 348 -8.15 22.40 -19.43
CA VAL A 348 -8.27 23.47 -20.38
C VAL A 348 -8.36 22.93 -21.83
N GLY A 349 -9.59 22.88 -22.37
CA GLY A 349 -9.87 22.22 -23.67
C GLY A 349 -9.44 20.77 -23.55
N ASP A 350 -8.53 20.31 -24.41
CA ASP A 350 -8.12 18.90 -24.42
C ASP A 350 -6.97 18.59 -23.49
N PHE A 351 -6.54 19.61 -22.73
CA PHE A 351 -5.37 19.50 -21.87
C PHE A 351 -5.85 19.40 -20.45
N THR A 352 -5.14 18.62 -19.67
CA THR A 352 -5.38 18.57 -18.25
C THR A 352 -4.07 18.93 -17.60
N PHE A 353 -4.06 19.89 -16.67
CA PHE A 353 -2.86 20.20 -15.89
C PHE A 353 -3.14 19.87 -14.43
N GLU A 354 -2.17 19.33 -13.71
CA GLU A 354 -2.39 18.87 -12.35
C GLU A 354 -1.05 19.21 -11.69
N GLY A 355 -1.10 19.71 -10.45
CA GLY A 355 0.13 19.98 -9.70
C GLY A 355 -0.08 19.88 -8.22
N ALA A 356 1.02 19.76 -7.49
CA ALA A 356 1.00 19.86 -6.06
C ALA A 356 2.33 20.36 -5.60
N ALA A 357 2.35 21.07 -4.48
CA ALA A 357 3.63 21.46 -3.89
C ALA A 357 3.45 21.39 -2.40
N ARG A 358 4.47 20.98 -1.68
CA ARG A 358 4.42 20.87 -0.24
C ARG A 358 5.74 21.33 0.37
N SER A 359 5.68 21.87 1.58
CA SER A 359 6.92 22.16 2.29
C SER A 359 6.76 21.53 3.63
N ASP A 360 7.78 20.80 4.05
CA ASP A 360 7.65 20.02 5.28
C ASP A 360 8.68 20.47 6.27
N ASP A 361 8.35 20.59 7.56
CA ASP A 361 9.40 20.85 8.57
C ASP A 361 9.57 19.68 9.48
N ASN A 362 10.70 18.96 9.32
CA ASN A 362 10.93 17.73 10.03
C ASN A 362 11.83 18.05 11.20
N SER A 363 11.44 17.66 12.39
CA SER A 363 12.22 18.02 13.57
C SER A 363 13.65 17.47 13.50
N GLN A 364 13.90 16.37 12.78
CA GLN A 364 15.27 15.82 12.71
C GLN A 364 15.95 16.36 11.49
N PHE A 365 15.22 16.47 10.40
CA PHE A 365 15.85 16.78 9.10
C PHE A 365 15.56 18.15 8.57
N GLY A 366 14.86 18.97 9.33
CA GLY A 366 14.59 20.33 8.88
C GLY A 366 13.61 20.42 7.75
N ARG A 367 13.71 21.49 6.97
CA ARG A 367 12.69 21.84 6.00
C ARG A 367 13.07 21.39 4.56
N HIS A 368 12.09 20.86 3.85
CA HIS A 368 12.26 20.24 2.56
C HIS A 368 10.98 20.48 1.78
N GLY A 369 11.13 20.99 0.58
CA GLY A 369 9.95 21.21 -0.26
C GLY A 369 9.94 20.18 -1.38
N THR A 370 8.77 19.91 -1.95
CA THR A 370 8.69 18.95 -3.03
C THR A 370 7.55 19.51 -3.86
N TRP A 371 7.51 19.12 -5.11
CA TRP A 371 6.47 19.59 -6.01
C TRP A 371 6.40 18.62 -7.20
N GLN A 372 5.25 18.66 -7.90
CA GLN A 372 5.07 17.80 -9.03
C GLN A 372 4.06 18.47 -9.92
N THR A 373 4.15 18.16 -11.19
CA THR A 373 3.19 18.63 -12.14
C THR A 373 3.03 17.54 -13.21
N SER A 374 1.86 17.41 -13.81
CA SER A 374 1.68 16.54 -14.96
C SER A 374 0.81 17.33 -15.90
N ALA A 375 0.89 17.02 -17.19
CA ALA A 375 0.05 17.64 -18.20
C ALA A 375 -0.35 16.46 -19.06
N GLY A 376 -1.66 16.33 -19.34
CA GLY A 376 -2.27 15.34 -20.23
C GLY A 376 -2.79 16.09 -21.47
N TRP A 377 -2.63 15.49 -22.65
CA TRP A 377 -3.25 16.05 -23.86
C TRP A 377 -4.09 14.92 -24.44
N GLU A 378 -5.43 15.00 -24.36
CA GLU A 378 -6.29 14.07 -25.09
C GLU A 378 -6.37 14.52 -26.55
N PHE A 379 -5.42 14.08 -27.36
CA PHE A 379 -5.31 14.58 -28.72
C PHE A 379 -6.44 14.12 -29.62
N ILE A 380 -7.07 13.01 -29.31
CA ILE A 380 -8.27 12.57 -30.01
C ILE A 380 -9.06 11.81 -28.96
N GLU A 381 -10.37 11.74 -29.09
CA GLU A 381 -11.09 11.24 -27.92
C GLU A 381 -10.66 9.80 -27.56
N GLY A 382 -10.45 9.55 -26.28
CA GLY A 382 -10.11 8.22 -25.83
C GLY A 382 -8.62 8.00 -25.74
N TYR A 383 -7.79 8.93 -26.25
CA TYR A 383 -6.31 8.71 -26.29
C TYR A 383 -5.63 9.87 -25.66
N ARG A 384 -4.63 9.64 -24.83
CA ARG A 384 -4.00 10.76 -24.18
C ARG A 384 -2.52 10.54 -24.01
N PHE A 385 -1.73 11.61 -24.16
CA PHE A 385 -0.29 11.57 -23.73
C PHE A 385 -0.16 12.37 -22.49
N ILE A 386 0.68 11.91 -21.57
CA ILE A 386 0.82 12.56 -20.27
C ILE A 386 2.31 12.68 -20.03
N ALA A 387 2.76 13.88 -19.60
CA ALA A 387 4.13 14.04 -19.18
C ALA A 387 4.10 14.50 -17.72
N SER A 388 4.91 13.89 -16.85
CA SER A 388 4.87 14.20 -15.44
C SER A 388 6.27 14.50 -14.95
N TYR A 389 6.40 15.41 -13.98
CA TYR A 389 7.66 15.59 -13.29
C TYR A 389 7.37 15.79 -11.81
N GLY A 390 8.22 15.27 -10.93
CA GLY A 390 7.99 15.54 -9.52
C GLY A 390 9.19 15.24 -8.68
N THR A 391 9.32 15.92 -7.54
CA THR A 391 10.36 15.59 -6.57
C THR A 391 9.68 15.04 -5.36
N SER A 392 10.42 14.24 -4.59
CA SER A 392 9.82 13.60 -3.44
C SER A 392 11.03 13.30 -2.57
N TYR A 393 10.77 12.89 -1.34
CA TYR A 393 11.87 12.56 -0.47
C TYR A 393 11.40 11.59 0.53
N LYS A 394 12.38 11.03 1.23
CA LYS A 394 12.13 10.20 2.33
C LYS A 394 13.11 10.59 3.41
N ALA A 395 12.58 10.97 4.58
CA ALA A 395 13.44 11.28 5.70
C ALA A 395 13.58 10.03 6.55
N PRO A 396 14.81 9.55 6.82
CA PRO A 396 14.94 8.33 7.67
C PRO A 396 14.07 8.43 8.90
N ASN A 397 13.35 7.35 9.17
CA ASN A 397 12.43 7.35 10.31
C ASN A 397 13.10 6.75 11.55
N LEU A 398 12.39 6.72 12.67
CA LEU A 398 12.98 6.29 13.91
C LEU A 398 13.72 4.94 13.82
N GLY A 399 13.11 3.95 13.17
CA GLY A 399 13.68 2.64 13.07
C GLY A 399 14.94 2.62 12.28
N GLN A 400 14.98 3.39 11.19
CA GLN A 400 16.13 3.37 10.34
C GLN A 400 17.24 4.09 11.02
N LEU A 401 16.92 5.08 11.85
CA LEU A 401 17.96 5.86 12.46
C LEU A 401 18.50 5.14 13.71
N TYR A 402 17.61 4.63 14.54
CA TYR A 402 18.00 4.16 15.88
C TYR A 402 17.72 2.72 16.15
N GLY A 403 17.08 2.04 15.20
CA GLY A 403 16.75 0.66 15.40
C GLY A 403 17.96 -0.22 15.11
N PHE A 404 17.78 -1.47 15.45
CA PHE A 404 18.79 -2.48 15.31
C PHE A 404 19.52 -2.45 13.97
N TYR A 405 18.79 -2.21 12.89
CA TYR A 405 19.33 -2.32 11.52
C TYR A 405 19.81 -0.98 11.00
N GLY A 406 19.69 0.07 11.81
CA GLY A 406 19.88 1.37 11.24
C GLY A 406 21.21 1.99 11.55
N ASN A 407 21.22 3.28 11.38
CA ASN A 407 22.41 4.08 11.44
C ASN A 407 21.93 5.52 11.61
N PRO A 408 22.28 6.15 12.76
CA PRO A 408 21.84 7.50 13.07
C PRO A 408 22.32 8.56 12.11
N ASN A 409 23.24 8.22 11.21
CA ASN A 409 23.73 9.18 10.24
C ASN A 409 23.13 9.11 8.85
N LEU A 410 22.03 8.40 8.67
CA LEU A 410 21.42 8.33 7.34
C LEU A 410 20.92 9.71 6.87
N ASP A 411 21.13 10.03 5.59
CA ASP A 411 20.65 11.27 5.02
C ASP A 411 19.24 11.05 4.45
N PRO A 412 18.45 12.14 4.33
CA PRO A 412 17.21 12.00 3.55
C PRO A 412 17.54 11.52 2.16
N GLU A 413 16.61 10.76 1.58
CA GLU A 413 16.70 10.28 0.22
C GLU A 413 15.95 11.25 -0.62
N LYS A 414 16.51 11.72 -1.72
CA LYS A 414 15.76 12.68 -2.50
C LYS A 414 15.63 12.15 -3.92
N SER A 415 14.43 12.30 -4.48
CA SER A 415 14.11 11.76 -5.78
C SER A 415 13.63 12.88 -6.74
N LYS A 416 14.06 12.80 -7.99
CA LYS A 416 13.53 13.56 -9.12
C LYS A 416 13.01 12.49 -10.09
N GLN A 417 11.74 12.58 -10.51
CA GLN A 417 11.14 11.58 -11.43
C GLN A 417 10.51 12.24 -12.61
N TRP A 418 10.74 11.67 -13.80
CA TRP A 418 10.08 12.10 -15.01
C TRP A 418 9.35 10.92 -15.50
N GLU A 419 8.13 11.10 -15.99
CA GLU A 419 7.42 9.97 -16.52
C GLU A 419 6.64 10.46 -17.75
N GLY A 420 6.61 9.66 -18.80
CA GLY A 420 5.71 9.98 -19.93
C GLY A 420 4.84 8.79 -20.26
N ALA A 421 3.55 9.01 -20.52
CA ALA A 421 2.53 7.96 -20.65
C ALA A 421 1.74 8.18 -21.92
N PHE A 422 1.26 7.07 -22.48
CA PHE A 422 0.31 7.10 -23.59
C PHE A 422 -0.77 6.16 -23.10
N GLU A 423 -2.02 6.62 -23.09
CA GLU A 423 -3.13 5.75 -22.72
C GLU A 423 -4.21 5.89 -23.79
N GLY A 424 -4.94 4.83 -24.02
CA GLY A 424 -6.03 4.88 -24.96
C GLY A 424 -7.09 3.82 -24.59
N LEU A 425 -8.20 3.94 -25.23
CA LEU A 425 -9.19 2.95 -25.26
C LEU A 425 -9.31 2.50 -26.69
N THR A 426 -8.97 1.27 -27.01
CA THR A 426 -9.00 0.88 -28.45
C THR A 426 -9.78 -0.39 -28.60
N ALA A 427 -10.89 -0.35 -29.33
CA ALA A 427 -11.63 -1.53 -29.68
C ALA A 427 -11.79 -2.41 -28.43
N GLY A 428 -12.20 -1.78 -27.34
CA GLY A 428 -12.62 -2.49 -26.14
C GLY A 428 -11.50 -2.76 -25.17
N VAL A 429 -10.30 -2.33 -25.54
CA VAL A 429 -9.09 -2.57 -24.77
C VAL A 429 -8.71 -1.26 -24.09
N ASN A 430 -8.71 -1.25 -22.77
CA ASN A 430 -8.34 -0.08 -21.97
C ASN A 430 -6.83 -0.20 -21.70
N TRP A 431 -5.98 0.68 -22.20
CA TRP A 431 -4.58 0.31 -22.02
C TRP A 431 -3.80 1.52 -21.62
N ARG A 432 -2.60 1.34 -21.09
CA ARG A 432 -1.72 2.45 -20.83
C ARG A 432 -0.30 1.92 -20.87
N ILE A 433 0.62 2.73 -21.37
CA ILE A 433 2.06 2.35 -21.25
C ILE A 433 2.76 3.62 -20.83
N SER A 434 3.70 3.52 -19.90
CA SER A 434 4.49 4.68 -19.57
C SER A 434 5.97 4.34 -19.44
N GLY A 435 6.85 5.35 -19.60
CA GLY A 435 8.25 5.17 -19.28
C GLY A 435 8.51 6.09 -18.16
N TYR A 436 9.30 5.67 -17.16
CA TYR A 436 9.70 6.62 -16.12
C TYR A 436 11.19 6.57 -15.87
N ARG A 437 11.66 7.65 -15.27
CA ARG A 437 12.97 7.63 -14.74
C ARG A 437 12.96 8.27 -13.37
N ASN A 438 13.67 7.64 -12.45
CA ASN A 438 13.72 8.15 -11.11
C ASN A 438 15.18 8.25 -10.75
N ASP A 439 15.68 9.47 -10.54
CA ASP A 439 17.04 9.70 -10.03
C ASP A 439 16.95 9.90 -8.51
N VAL A 440 17.46 8.94 -7.72
CA VAL A 440 17.43 9.11 -6.28
C VAL A 440 18.81 9.44 -5.76
N SER A 441 18.92 10.49 -4.95
CA SER A 441 20.18 10.72 -4.26
C SER A 441 20.11 10.09 -2.95
N ASP A 442 21.21 9.48 -2.54
CA ASP A 442 21.30 8.84 -1.21
C ASP A 442 20.15 7.84 -1.00
N LEU A 443 19.87 7.03 -2.01
CA LEU A 443 18.93 5.93 -1.87
C LEU A 443 19.40 5.00 -0.78
N ILE A 444 18.48 4.57 0.07
CA ILE A 444 18.83 3.68 1.14
C ILE A 444 18.35 2.29 0.72
N ASP A 445 19.25 1.32 0.76
CA ASP A 445 18.87 -0.07 0.52
C ASP A 445 19.21 -0.75 1.83
N TYR A 446 18.79 -2.00 1.93
CA TYR A 446 19.04 -2.74 3.10
C TYR A 446 19.90 -3.91 2.63
N ASP A 447 20.94 -4.21 3.43
CA ASP A 447 21.87 -5.28 3.14
C ASP A 447 21.62 -6.44 4.10
N ASP A 448 21.03 -7.52 3.58
CA ASP A 448 20.74 -8.72 4.38
C ASP A 448 22.02 -9.32 4.97
N HIS A 449 23.11 -9.21 4.22
CA HIS A 449 24.39 -9.79 4.68
C HIS A 449 24.93 -9.07 5.93
N THR A 450 25.03 -7.76 5.89
CA THR A 450 25.53 -7.03 7.05
C THR A 450 24.42 -6.74 8.05
N LEU A 451 23.18 -7.09 7.70
CA LEU A 451 21.98 -6.68 8.48
C LEU A 451 21.89 -5.17 8.72
N LYS A 452 22.09 -4.38 7.68
CA LYS A 452 22.10 -2.94 7.88
C LYS A 452 21.55 -2.24 6.69
N TYR A 453 20.82 -1.17 6.96
CA TYR A 453 20.61 -0.16 5.93
C TYR A 453 21.92 0.46 5.54
N TYR A 454 22.02 0.89 4.29
CA TYR A 454 23.22 1.55 3.85
C TYR A 454 22.76 2.50 2.77
N ASN A 455 23.60 3.47 2.45
CA ASN A 455 23.32 4.46 1.47
C ASN A 455 23.93 3.98 0.14
N GLU A 456 23.08 3.74 -0.84
CA GLU A 456 23.52 3.16 -2.09
C GLU A 456 24.24 4.26 -2.88
N GLY A 457 23.93 5.53 -2.59
CA GLY A 457 24.56 6.65 -3.30
C GLY A 457 23.50 7.12 -4.26
N LYS A 458 23.90 7.52 -5.48
CA LYS A 458 22.97 7.95 -6.48
C LYS A 458 22.49 6.76 -7.27
N ALA A 459 21.19 6.65 -7.44
CA ALA A 459 20.60 5.53 -8.16
C ALA A 459 19.79 6.13 -9.26
N ARG A 460 19.75 5.46 -10.42
CA ARG A 460 18.84 5.80 -11.46
C ARG A 460 18.04 4.58 -11.82
N ILE A 461 16.71 4.69 -11.72
CA ILE A 461 15.79 3.64 -12.08
C ILE A 461 15.11 4.08 -13.38
N LYS A 462 15.18 3.24 -14.41
CA LYS A 462 14.45 3.50 -15.67
C LYS A 462 13.49 2.35 -15.78
N GLY A 463 12.26 2.60 -16.19
CA GLY A 463 11.19 1.61 -16.03
C GLY A 463 10.18 1.80 -17.13
N VAL A 464 9.48 0.73 -17.45
CA VAL A 464 8.33 0.81 -18.32
C VAL A 464 7.24 0.11 -17.59
N GLU A 465 6.07 0.71 -17.61
CA GLU A 465 4.89 0.05 -17.09
C GLU A 465 3.85 -0.07 -18.21
N ALA A 466 3.40 -1.27 -18.51
CA ALA A 466 2.25 -1.35 -19.40
C ALA A 466 1.11 -2.03 -18.70
N THR A 467 -0.09 -1.52 -18.86
CA THR A 467 -1.26 -2.22 -18.33
C THR A 467 -2.38 -2.33 -19.37
N ALA A 468 -3.24 -3.34 -19.28
CA ALA A 468 -4.42 -3.32 -20.14
C ALA A 468 -5.47 -4.14 -19.43
N ASN A 469 -6.72 -3.83 -19.68
CA ASN A 469 -7.79 -4.75 -19.37
C ASN A 469 -8.83 -4.76 -20.44
N PHE A 470 -9.46 -5.91 -20.58
CA PHE A 470 -10.39 -6.10 -21.68
C PHE A 470 -11.17 -7.39 -21.44
N ASP A 471 -12.33 -7.49 -22.09
CA ASP A 471 -13.16 -8.66 -21.99
C ASP A 471 -13.22 -9.32 -23.32
N THR A 472 -13.22 -10.64 -23.33
CA THR A 472 -13.47 -11.44 -24.56
C THR A 472 -14.53 -12.47 -24.21
N GLY A 473 -15.73 -12.22 -24.69
CA GLY A 473 -16.86 -13.02 -24.29
C GLY A 473 -16.97 -12.92 -22.79
N PRO A 474 -17.05 -14.05 -22.15
CA PRO A 474 -17.20 -14.15 -20.69
C PRO A 474 -15.90 -13.91 -19.89
N LEU A 475 -14.77 -13.81 -20.59
CA LEU A 475 -13.47 -13.67 -19.93
C LEU A 475 -13.16 -12.20 -19.73
N THR A 476 -12.69 -11.88 -18.53
CA THR A 476 -12.07 -10.59 -18.29
C THR A 476 -10.58 -10.79 -18.03
N HIS A 477 -9.79 -9.96 -18.71
CA HIS A 477 -8.34 -10.07 -18.72
C HIS A 477 -7.81 -8.79 -18.10
N THR A 478 -6.90 -8.90 -17.15
CA THR A 478 -6.28 -7.77 -16.52
C THR A 478 -4.80 -8.09 -16.54
N VAL A 479 -4.04 -7.27 -17.25
CA VAL A 479 -2.68 -7.64 -17.57
C VAL A 479 -1.77 -6.50 -17.16
N SER A 480 -0.58 -6.77 -16.65
CA SER A 480 0.39 -5.68 -16.53
C SER A 480 1.76 -6.21 -16.80
N TYR A 481 2.63 -5.33 -17.29
CA TYR A 481 3.99 -5.66 -17.53
C TYR A 481 4.80 -4.54 -16.90
N ASP A 482 5.89 -4.89 -16.23
CA ASP A 482 6.88 -3.88 -15.84
C ASP A 482 8.27 -4.25 -16.27
N TYR A 483 9.05 -3.28 -16.69
CA TYR A 483 10.48 -3.49 -16.85
C TYR A 483 11.05 -2.54 -15.85
N VAL A 484 12.03 -2.97 -15.04
CA VAL A 484 12.59 -2.11 -13.95
C VAL A 484 14.10 -2.19 -14.07
N ASP A 485 14.76 -1.12 -14.54
CA ASP A 485 16.23 -1.08 -14.63
C ASP A 485 16.82 -0.07 -13.61
N ALA A 486 17.15 -0.61 -12.43
CA ALA A 486 17.63 0.12 -11.29
C ALA A 486 19.13 0.00 -11.20
N ARG A 487 19.84 1.11 -11.26
CA ARG A 487 21.29 1.05 -11.32
C ARG A 487 21.88 2.08 -10.41
N ASN A 488 23.13 1.90 -10.01
CA ASN A 488 23.82 2.99 -9.41
C ASN A 488 24.15 3.96 -10.52
N ALA A 489 23.75 5.23 -10.42
CA ALA A 489 23.96 6.20 -11.53
C ALA A 489 25.42 6.53 -11.79
N ILE A 490 26.29 6.28 -10.83
CA ILE A 490 27.70 6.60 -10.99
C ILE A 490 28.41 5.43 -11.66
N THR A 491 28.34 4.27 -11.06
CA THR A 491 29.11 3.16 -11.59
C THR A 491 28.35 2.45 -12.70
N ASP A 492 27.04 2.70 -12.81
CA ASP A 492 26.18 1.97 -13.74
C ASP A 492 25.90 0.50 -13.38
N THR A 493 26.19 0.07 -12.17
CA THR A 493 25.97 -1.32 -11.81
C THR A 493 24.53 -1.58 -11.33
N PRO A 494 23.91 -2.65 -11.86
CA PRO A 494 22.60 -2.97 -11.41
C PRO A 494 22.51 -3.08 -9.88
N LEU A 495 21.41 -2.54 -9.35
CA LEU A 495 21.11 -2.73 -7.96
C LEU A 495 20.61 -4.15 -7.77
N LEU A 496 20.88 -4.68 -6.59
CA LEU A 496 20.69 -6.08 -6.32
C LEU A 496 19.28 -6.42 -5.83
N ARG A 497 18.85 -7.67 -6.11
CA ARG A 497 17.64 -8.34 -5.60
C ARG A 497 16.33 -7.91 -6.22
N ARG A 498 16.42 -7.09 -7.27
CA ARG A 498 15.27 -6.56 -8.00
C ARG A 498 15.02 -7.42 -9.22
N ALA A 499 13.80 -7.89 -9.38
CA ALA A 499 13.44 -8.52 -10.66
C ALA A 499 13.44 -7.46 -11.75
N LYS A 500 14.05 -7.76 -12.89
CA LYS A 500 14.04 -6.77 -13.95
C LYS A 500 12.71 -6.75 -14.71
N GLN A 501 11.99 -7.87 -14.73
CA GLN A 501 10.72 -7.84 -15.42
C GLN A 501 9.68 -8.47 -14.58
N GLN A 502 8.47 -7.98 -14.69
CA GLN A 502 7.34 -8.48 -13.95
C GLN A 502 6.24 -8.66 -14.95
N VAL A 503 5.60 -9.83 -15.00
CA VAL A 503 4.40 -10.01 -15.86
C VAL A 503 3.27 -10.45 -14.92
N LYS A 504 2.12 -9.79 -15.00
CA LYS A 504 1.02 -10.16 -14.13
C LYS A 504 -0.18 -10.31 -15.04
N TYR A 505 -0.89 -11.42 -14.91
CA TYR A 505 -2.03 -11.67 -15.77
C TYR A 505 -3.10 -12.22 -14.92
N GLN A 506 -4.26 -11.59 -14.92
CA GLN A 506 -5.42 -12.17 -14.23
C GLN A 506 -6.52 -12.50 -15.24
N LEU A 507 -7.12 -13.69 -15.11
CA LEU A 507 -8.18 -14.15 -16.01
C LEU A 507 -9.40 -14.57 -15.19
N ASP A 508 -10.51 -13.87 -15.41
CA ASP A 508 -11.73 -14.11 -14.66
C ASP A 508 -12.83 -14.49 -15.56
N TRP A 509 -13.63 -15.41 -15.10
CA TRP A 509 -14.87 -15.72 -15.81
C TRP A 509 -15.89 -16.50 -14.98
N GLN A 510 -17.13 -16.43 -15.41
CA GLN A 510 -18.23 -17.09 -14.70
C GLN A 510 -18.83 -18.00 -15.75
N LEU A 511 -18.98 -19.27 -15.39
CA LEU A 511 -19.56 -20.29 -16.27
C LEU A 511 -20.41 -21.17 -15.36
N TYR A 512 -21.72 -21.18 -15.62
CA TYR A 512 -22.70 -21.98 -14.84
C TYR A 512 -22.65 -21.62 -13.37
N ASP A 513 -22.52 -20.31 -13.10
CA ASP A 513 -22.52 -19.76 -11.75
C ASP A 513 -21.22 -19.96 -10.99
N PHE A 514 -20.30 -20.73 -11.55
CA PHE A 514 -18.95 -20.80 -11.00
C PHE A 514 -18.18 -19.60 -11.47
N ASP A 515 -17.49 -18.92 -10.54
CA ASP A 515 -16.69 -17.77 -10.90
C ASP A 515 -15.27 -18.21 -10.72
N TRP A 516 -14.52 -18.17 -11.82
CA TRP A 516 -13.15 -18.62 -11.83
C TRP A 516 -12.22 -17.42 -11.92
N GLY A 517 -11.07 -17.53 -11.29
CA GLY A 517 -9.99 -16.56 -11.47
C GLY A 517 -8.71 -17.32 -11.54
N ILE A 518 -7.97 -17.14 -12.62
CA ILE A 518 -6.61 -17.64 -12.71
C ILE A 518 -5.66 -16.47 -12.57
N THR A 519 -4.63 -16.61 -11.75
CA THR A 519 -3.65 -15.57 -11.60
C THR A 519 -2.32 -16.11 -12.04
N TYR A 520 -1.62 -15.37 -12.88
CA TYR A 520 -0.29 -15.75 -13.30
C TYR A 520 0.62 -14.61 -12.93
N GLN A 521 1.82 -14.94 -12.47
CA GLN A 521 2.80 -13.97 -12.14
C GLN A 521 4.13 -14.51 -12.61
N TYR A 522 4.84 -13.67 -13.34
CA TYR A 522 6.25 -13.92 -13.60
C TYR A 522 7.08 -12.80 -13.01
N LEU A 523 8.09 -13.16 -12.23
CA LEU A 523 9.01 -12.23 -11.70
C LEU A 523 10.34 -12.66 -12.22
N GLY A 524 10.95 -11.78 -12.98
CA GLY A 524 12.08 -12.12 -13.75
C GLY A 524 13.35 -12.19 -12.93
N THR A 525 14.43 -12.15 -13.69
CA THR A 525 15.77 -12.44 -13.26
C THR A 525 16.24 -11.31 -12.33
N ARG A 526 17.07 -11.63 -11.33
CA ARG A 526 17.51 -10.66 -10.31
C ARG A 526 18.98 -10.84 -10.15
N TYR A 527 19.66 -9.84 -9.61
CA TYR A 527 21.06 -10.05 -9.25
C TYR A 527 21.15 -10.18 -7.74
N ASP A 528 21.98 -11.09 -7.23
CA ASP A 528 22.30 -11.12 -5.81
C ASP A 528 23.77 -11.47 -5.61
N LYS A 529 24.28 -11.28 -4.39
CA LYS A 529 25.68 -11.61 -4.07
C LYS A 529 25.82 -13.02 -3.54
N ASP A 530 26.86 -13.68 -3.99
CA ASP A 530 27.16 -15.01 -3.53
C ASP A 530 28.23 -14.88 -2.43
N TYR A 531 27.83 -15.12 -1.19
CA TYR A 531 28.74 -14.79 -0.07
C TYR A 531 29.64 -15.94 0.39
N SER A 532 29.54 -17.09 -0.29
CA SER A 532 30.26 -18.28 0.13
C SER A 532 31.78 -18.08 0.00
N SER A 533 32.22 -17.59 -1.16
CA SER A 533 33.66 -17.33 -1.36
C SER A 533 33.94 -15.83 -1.55
N TYR A 534 34.96 -15.36 -0.83
CA TYR A 534 35.57 -14.04 -1.04
C TYR A 534 36.63 -14.12 -2.16
N PRO A 535 36.63 -13.18 -3.12
CA PRO A 535 35.76 -11.99 -3.22
C PRO A 535 34.35 -12.40 -3.67
N TYR A 536 33.34 -11.73 -3.12
CA TYR A 536 31.94 -12.14 -3.33
C TYR A 536 31.48 -11.81 -4.74
N GLN A 537 31.06 -12.85 -5.46
CA GLN A 537 30.67 -12.62 -6.84
C GLN A 537 29.21 -12.21 -6.91
N THR A 538 28.87 -11.40 -7.90
CA THR A 538 27.47 -11.08 -8.22
C THR A 538 26.97 -12.11 -9.20
N VAL A 539 25.82 -12.68 -8.88
CA VAL A 539 25.31 -13.88 -9.48
C VAL A 539 23.86 -13.56 -9.92
N LYS A 540 23.40 -14.12 -11.02
CA LYS A 540 22.05 -13.80 -11.50
C LYS A 540 21.09 -14.90 -11.07
N MET A 541 19.95 -14.55 -10.51
CA MET A 541 19.01 -15.58 -10.09
C MET A 541 17.95 -15.70 -11.15
N GLY A 542 17.35 -16.89 -11.24
CA GLY A 542 16.38 -17.15 -12.30
C GLY A 542 15.04 -16.51 -12.03
N GLY A 543 14.28 -16.27 -13.10
CA GLY A 543 12.90 -15.85 -12.98
C GLY A 543 12.03 -16.96 -12.46
N VAL A 544 10.87 -16.62 -11.90
CA VAL A 544 9.94 -17.55 -11.35
C VAL A 544 8.52 -17.25 -11.83
N SER A 545 7.83 -18.32 -12.27
CA SER A 545 6.45 -18.27 -12.68
C SER A 545 5.62 -18.90 -11.58
N LEU A 546 4.52 -18.28 -11.20
CA LEU A 546 3.59 -18.87 -10.25
C LEU A 546 2.17 -18.67 -10.75
N TRP A 547 1.37 -19.73 -10.60
CA TRP A 547 -0.01 -19.77 -11.00
C TRP A 547 -0.91 -20.00 -9.82
N ASP A 548 -2.05 -19.33 -9.76
CA ASP A 548 -3.04 -19.66 -8.77
C ASP A 548 -4.35 -19.90 -9.48
N LEU A 549 -5.18 -20.76 -8.90
CA LEU A 549 -6.53 -20.99 -9.43
C LEU A 549 -7.52 -20.78 -8.32
N ALA A 550 -8.51 -19.92 -8.55
CA ALA A 550 -9.51 -19.68 -7.55
C ALA A 550 -10.88 -19.97 -8.12
N VAL A 551 -11.78 -20.44 -7.27
CA VAL A 551 -13.15 -20.61 -7.74
C VAL A 551 -14.12 -20.27 -6.61
N ALA A 552 -15.30 -19.79 -6.96
CA ALA A 552 -16.36 -19.42 -6.02
C ALA A 552 -17.71 -19.84 -6.60
N TYR A 553 -18.59 -20.31 -5.72
CA TYR A 553 -19.95 -20.65 -6.17
C TYR A 553 -20.96 -20.17 -5.17
N PRO A 554 -22.02 -19.49 -5.65
CA PRO A 554 -23.09 -19.05 -4.79
C PRO A 554 -23.99 -20.23 -4.56
N VAL A 555 -23.73 -21.00 -3.50
CA VAL A 555 -24.55 -22.16 -3.11
C VAL A 555 -26.00 -21.75 -2.94
N THR A 556 -26.20 -20.70 -2.16
CA THR A 556 -27.48 -20.01 -2.08
C THR A 556 -27.24 -18.52 -2.34
N SER A 557 -28.31 -17.73 -2.28
CA SER A 557 -28.17 -16.27 -2.45
C SER A 557 -27.39 -15.72 -1.25
N HIS A 558 -27.50 -16.38 -0.09
CA HIS A 558 -26.71 -16.03 1.12
C HIS A 558 -25.33 -16.69 1.29
N LEU A 559 -25.12 -17.89 0.74
CA LEU A 559 -23.92 -18.71 1.01
C LEU A 559 -23.06 -18.81 -0.24
N THR A 560 -21.83 -18.29 -0.15
CA THR A 560 -20.87 -18.43 -1.21
C THR A 560 -19.75 -19.27 -0.66
N VAL A 561 -19.31 -20.22 -1.47
CA VAL A 561 -18.25 -21.13 -1.11
C VAL A 561 -17.12 -20.87 -2.10
N ARG A 562 -15.90 -20.85 -1.58
CA ARG A 562 -14.73 -20.42 -2.35
C ARG A 562 -13.63 -21.47 -2.12
N GLY A 563 -12.81 -21.76 -3.14
CA GLY A 563 -11.56 -22.54 -2.95
C GLY A 563 -10.45 -21.93 -3.79
N LYS A 564 -9.20 -22.22 -3.44
CA LYS A 564 -8.08 -21.61 -4.17
C LYS A 564 -6.96 -22.61 -4.11
N ILE A 565 -6.25 -22.76 -5.23
CA ILE A 565 -4.97 -23.43 -5.20
C ILE A 565 -3.94 -22.37 -5.50
N ALA A 566 -3.09 -22.05 -4.52
CA ALA A 566 -1.97 -21.14 -4.79
C ALA A 566 -0.75 -21.93 -5.15
N ASN A 567 -0.02 -21.45 -6.15
CA ASN A 567 1.14 -22.13 -6.65
C ASN A 567 0.74 -23.51 -7.17
N LEU A 568 -0.15 -23.46 -8.15
CA LEU A 568 -0.70 -24.62 -8.84
C LEU A 568 0.34 -25.67 -9.28
N PHE A 569 1.47 -25.22 -9.80
CA PHE A 569 2.49 -26.16 -10.33
C PHE A 569 3.58 -26.54 -9.33
N ASP A 570 3.28 -26.25 -8.08
CA ASP A 570 4.09 -26.62 -6.95
C ASP A 570 5.53 -26.16 -7.09
N LYS A 571 5.74 -25.05 -7.79
CA LYS A 571 7.07 -24.53 -8.05
C LYS A 571 7.79 -24.24 -6.74
N ASP A 572 8.93 -24.89 -6.53
CA ASP A 572 9.92 -24.48 -5.52
C ASP A 572 10.97 -23.60 -6.22
N TYR A 573 11.29 -22.47 -5.60
CA TYR A 573 12.10 -21.44 -6.28
C TYR A 573 13.10 -20.75 -5.34
N ALA A 582 7.86 -22.83 -0.07
CA ALA A 582 6.67 -22.06 -0.47
C ALA A 582 5.87 -22.70 -1.68
N GLY A 583 5.58 -24.02 -1.60
CA GLY A 583 4.95 -24.78 -2.68
C GLY A 583 3.41 -24.74 -2.75
N ARG A 584 2.79 -25.76 -3.33
CA ARG A 584 1.35 -25.74 -3.60
C ARG A 584 0.53 -25.74 -2.33
N GLU A 585 -0.35 -24.74 -2.19
CA GLU A 585 -1.25 -24.62 -1.05
C GLU A 585 -2.72 -24.47 -1.42
N TYR A 586 -3.60 -24.99 -0.61
CA TYR A 586 -5.00 -24.95 -0.93
C TYR A 586 -5.65 -24.08 0.10
N THR A 587 -6.71 -23.38 -0.29
CA THR A 587 -7.64 -22.86 0.72
C THR A 587 -9.15 -23.01 0.37
N LEU A 588 -9.99 -23.01 1.39
CA LEU A 588 -11.38 -23.34 1.24
C LEU A 588 -12.13 -22.51 2.27
N SER A 589 -13.13 -21.77 1.81
CA SER A 589 -13.81 -20.83 2.67
C SER A 589 -15.27 -20.66 2.25
N GLY A 590 -16.05 -20.00 3.10
CA GLY A 590 -17.44 -19.69 2.85
C GLY A 590 -17.83 -18.37 3.49
N SER A 591 -18.79 -17.68 2.88
CA SER A 591 -19.39 -16.53 3.53
C SER A 591 -20.88 -16.62 3.52
N TYR A 592 -21.47 -16.21 4.64
CA TYR A 592 -22.90 -16.21 4.76
C TYR A 592 -23.29 -14.77 5.03
N THR A 593 -23.95 -14.17 4.04
CA THR A 593 -24.53 -12.82 4.18
C THR A 593 -25.96 -12.96 4.68
N PHE A 594 -26.34 -12.15 5.67
CA PHE A 594 -27.68 -12.19 6.23
C PHE A 594 -28.69 -11.49 5.34
C2 MPG B . -16.55 25.39 6.51
C3 MPG B . -15.35 24.71 5.90
C4 MPG B . -14.63 25.72 5.00
C5 MPG B . -13.13 25.69 5.21
C6 MPG B . -12.45 26.66 4.24
C7 MPG B . -12.05 25.95 2.97
C8 MPG B . -11.27 26.83 1.99
C9 MPG B . -11.59 26.38 0.60
C10 MPG B . -10.69 26.20 -0.36
C11 MPG B . -9.24 26.40 -0.08
C12 MPG B . -8.59 27.00 -1.30
C13 MPG B . -7.22 26.44 -1.26
C14 MPG B . -6.40 27.16 -2.30
C15 MPG B . -5.12 27.60 -1.70
C16 MPG B . -5.17 29.05 -1.34
C17 MPG B . -3.84 29.64 -1.72
C18 MPG B . -3.58 30.90 -0.93
O1 MPG B . -18.45 26.73 5.91
C1 MPG B . -17.60 25.69 5.45
CXD MPG B . -20.38 26.84 7.29
O2 MPG B . -19.48 26.25 8.25
C21 MPG B . -21.79 26.31 7.47
O3 MPG B . -22.57 26.78 6.35
CX3 MPG B . -19.85 26.42 5.94
C2 MPG C . -17.40 -18.35 11.62
C3 MPG C . -17.87 -17.91 13.02
C4 MPG C . -17.55 -16.44 13.34
C5 MPG C . -16.53 -16.32 14.49
C6 MPG C . -16.25 -14.88 14.95
C7 MPG C . -14.76 -14.60 15.12
C8 MPG C . -14.55 -13.27 15.86
C9 MPG C . -13.13 -13.22 16.39
C10 MPG C . -12.69 -12.18 17.09
C11 MPG C . -11.28 -12.14 17.61
C12 MPG C . -10.96 -10.68 17.92
C13 MPG C . -10.72 -10.38 19.41
C14 MPG C . -9.24 -10.21 19.73
C15 MPG C . -8.88 -8.89 20.37
C16 MPG C . -7.88 -8.05 19.56
C17 MPG C . -7.48 -6.81 20.34
C18 MPG C . -7.62 -5.55 19.51
O1 MPG C . -17.90 -19.82 9.71
C1 MPG C . -18.24 -19.49 11.06
CXD MPG C . -19.42 -20.18 7.77
O2 MPG C . -18.90 -20.13 6.42
C21 MPG C . -20.90 -19.81 7.68
O3 MPG C . -21.41 -20.22 6.41
CX3 MPG C . -18.74 -19.18 8.73
C2 MPG D . 1.11 23.16 13.60
C3 MPG D . -0.37 23.42 13.28
C4 MPG D . -0.84 22.83 11.93
C5 MPG D . -1.45 21.42 12.07
C6 MPG D . -2.85 21.22 11.47
C7 MPG D . -4.04 21.47 12.39
C8 MPG D . -5.18 22.25 11.72
C9 MPG D . -6.37 22.31 12.66
C10 MPG D . -7.48 23.08 12.62
C11 MPG D . -7.92 24.16 11.65
C12 MPG D . -9.35 24.61 11.93
C13 MPG D . -10.36 23.96 10.96
C14 MPG D . -11.82 24.47 11.04
C15 MPG D . -12.78 23.99 9.92
C16 MPG D . -13.23 22.51 10.03
C17 MPG D . -13.65 21.88 8.70
C18 MPG D . -13.80 20.39 8.78
O1 MPG D . 2.70 22.53 15.39
C1 MPG D . 1.45 23.17 15.09
CXD MPG D . 5.19 22.51 15.31
O2 MPG D . 5.32 22.64 16.73
C21 MPG D . 6.41 23.23 14.77
O3 MPG D . 7.37 22.25 14.34
CX3 MPG D . 3.88 23.14 14.83
C2 MPG E . 8.16 23.41 -2.76
C3 MPG E . 7.01 24.38 -2.89
C4 MPG E . 6.27 24.42 -1.57
C5 MPG E . 5.13 25.35 -1.55
C6 MPG E . 4.02 24.78 -0.70
C7 MPG E . 3.11 25.97 -0.49
C8 MPG E . 1.83 25.52 0.10
C9 MPG E . 0.90 26.64 -0.14
C10 MPG E . -0.16 26.80 0.61
C11 MPG E . -0.96 27.98 0.14
C12 MPG E . -2.30 28.19 0.86
C13 MPG E . -2.28 27.82 2.33
C14 MPG E . -3.50 28.44 3.00
C15 MPG E . -3.81 27.66 4.28
C16 MPG E . -4.61 26.43 3.97
C17 MPG E . -4.55 25.56 5.18
C18 MPG E . -5.36 24.34 4.85
O1 MPG E . 10.55 23.39 -3.38
C1 MPG E . 9.21 23.70 -3.80
CXD MPG E . 12.35 22.04 -4.44
O2 MPG E . 13.14 23.12 -4.99
C21 MPG E . 12.41 20.72 -5.26
O3 MPG E . 11.84 19.59 -4.53
CX3 MPG E . 10.90 22.49 -4.43
C2 MPG F . 8.39 24.84 -8.27
C3 MPG F . 7.42 25.18 -7.16
C4 MPG F . 5.93 25.07 -7.46
C5 MPG F . 5.19 26.02 -6.52
C6 MPG F . 3.67 25.88 -6.39
C7 MPG F . 2.97 25.49 -7.69
C8 MPG F . 3.01 23.98 -8.03
C9 MPG F . 1.60 23.64 -8.38
C10 MPG F . 0.71 23.82 -7.42
C11 MPG F . -0.72 23.54 -7.73
C12 MPG F . -1.26 24.83 -8.31
C13 MPG F . -2.32 25.41 -7.39
C14 MPG F . -2.83 26.73 -7.92
C15 MPG F . -3.77 27.34 -6.91
C16 MPG F . -3.56 28.84 -6.77
C17 MPG F . -3.86 29.20 -5.32
C18 MPG F . -5.30 29.61 -5.14
O1 MPG F . 10.82 25.00 -8.44
C1 MPG F . 9.72 24.82 -7.57
CXD MPG F . 13.18 25.31 -7.83
O2 MPG F . 13.39 25.94 -9.10
C21 MPG F . 14.47 24.60 -7.40
O3 MPG F . 15.56 25.52 -7.47
CX3 MPG F . 11.99 24.34 -7.93
C2 MPG G . -2.15 16.41 19.83
C3 MPG G . -3.46 15.70 19.47
C4 MPG G . -3.35 14.59 18.41
C5 MPG G . -4.63 13.78 18.26
C6 MPG G . -4.52 12.45 19.01
C7 MPG G . -5.85 11.91 19.57
C8 MPG G . -6.91 11.63 18.51
C9 MPG G . -7.85 10.49 18.87
C10 MPG G . -8.99 10.37 18.20
C11 MPG G . -10.01 9.28 18.45
C12 MPG G . -10.75 9.39 19.79
C13 MPG G . -11.83 8.29 20.00
C14 MPG G . -11.57 7.36 21.21
C15 MPG G . -10.27 7.55 22.03
C16 MPG G . -9.66 6.33 22.75
C17 MPG G . -8.13 6.47 22.84
C18 MPG G . -7.44 5.41 23.68
O1 MPG G . -0.35 15.66 21.35
C1 MPG G . -1.02 15.40 20.11
CXD MPG G . 1.33 14.59 22.58
O2 MPG G . 2.13 14.74 21.41
C21 MPG G . 1.77 13.37 23.35
O3 MPG G . 3.19 13.23 23.18
CX3 MPG G . -0.10 14.47 22.12
C2 MPG H . -7.61 28.61 -11.24
C3 MPG H . -6.43 27.64 -11.14
C4 MPG H . -5.11 28.35 -10.78
C5 MPG H . -3.98 28.26 -11.84
C6 MPG H . -2.61 28.66 -11.27
C7 MPG H . -1.52 28.83 -12.31
C8 MPG H . -0.22 29.44 -11.74
C9 MPG H . 0.95 28.44 -11.76
C10 MPG H . 1.97 28.44 -10.89
C11 MPG H . 3.09 27.39 -10.95
C12 MPG H . 4.52 27.84 -10.62
C13 MPG H . 5.58 26.89 -11.21
C14 MPG H . 7.03 27.38 -11.29
C15 MPG H . 7.78 26.69 -12.45
C16 MPG H . 9.27 26.34 -12.21
C17 MPG H . 9.94 25.48 -13.30
C18 MPG H . 11.38 25.10 -12.95
O1 MPG H . -8.78 28.83 -13.39
C1 MPG H . -8.74 28.10 -12.15
CXD MPG H . -10.09 28.91 -15.49
O2 MPG H . -11.36 28.29 -15.71
C21 MPG H . -9.48 29.16 -16.87
O3 MPG H . -10.16 30.26 -17.48
CX3 MPG H . -9.20 28.10 -14.56
C2 MPG I . -24.90 -9.16 15.18
C3 MPG I . -23.50 -8.91 14.60
C4 MPG I . -22.33 -9.25 15.52
C5 MPG I . -21.08 -8.43 15.14
C6 MPG I . -19.99 -8.40 16.22
C7 MPG I . -18.60 -8.10 15.65
C8 MPG I . -17.47 -8.08 16.68
C9 MPG I . -17.48 -6.82 17.54
C10 MPG I . -16.46 -5.96 17.65
C11 MPG I . -16.58 -4.74 18.54
C12 MPG I . -15.64 -3.61 18.12
C13 MPG I . -15.19 -2.74 19.30
C14 MPG I . -14.51 -1.42 18.88
C15 MPG I . -13.06 -1.64 18.42
C16 MPG I . -12.04 -0.99 19.34
C17 MPG I . -10.61 -1.13 18.80
C18 MPG I . -9.83 -2.23 19.48
O1 MPG I . -26.61 -8.37 13.58
C1 MPG I . -25.95 -8.09 14.81
CXD MPG I . -28.69 -8.54 12.26
O2 MPG I . -29.52 -7.59 11.59
C21 MPG I . -29.51 -9.80 12.59
O3 MPG I . -29.57 -10.68 11.46
CX3 MPG I . -28.00 -7.95 13.50
C2 MPG J . -28.34 9.11 17.73
C3 MPG J . -27.01 8.71 17.09
C4 MPG J . -26.04 9.89 17.08
C5 MPG J . -24.63 9.47 17.51
C6 MPG J . -23.58 10.55 17.23
C7 MPG J . -22.20 9.91 17.00
C8 MPG J . -21.12 10.94 16.69
C9 MPG J . -20.25 10.46 15.53
C10 MPG J . -19.13 11.07 15.12
C11 MPG J . -18.58 12.31 15.79
C12 MPG J . -17.53 13.00 14.92
C13 MPG J . -16.29 13.29 15.76
C14 MPG J . -15.92 14.77 15.82
C15 MPG J . -14.50 14.94 16.31
C16 MPG J . -13.55 15.44 15.21
C17 MPG J . -12.45 16.29 15.80
C18 MPG J . -11.38 16.56 14.77
O1 MPG J . -30.46 8.84 16.55
C1 MPG J . -29.46 8.15 17.31
CXD MPG J . -30.94 10.06 14.43
O2 MPG J . -32.28 9.78 14.85
C21 MPG J . -30.67 9.38 13.09
O3 MPG J . -29.42 8.66 13.02
CX3 MPG J . -29.91 9.66 15.50
C2 MPG K . 8.51 16.74 -18.05
C3 MPG K . 8.59 15.75 -19.20
C4 MPG K . 8.92 14.34 -18.70
C5 MPG K . 8.60 13.21 -19.68
C6 MPG K . 9.25 13.38 -21.05
C7 MPG K . 8.47 12.67 -22.16
C8 MPG K . 7.62 13.62 -23.02
C9 MPG K . 6.51 12.81 -23.69
C10 MPG K . 5.35 12.50 -23.10
C11 MPG K . 4.30 11.66 -23.81
C12 MPG K . 4.98 10.57 -24.64
C13 MPG K . 4.52 9.12 -24.38
C14 MPG K . 5.64 8.22 -23.87
C15 MPG K . 5.38 6.77 -24.28
C16 MPG K . 5.94 5.74 -23.29
C17 MPG K . 7.15 4.94 -23.74
C18 MPG K . 7.24 3.67 -22.90
O1 MPG K . 6.61 18.08 -17.08
C1 MPG K . 7.10 16.77 -17.43
CXD MPG K . 4.70 19.57 -17.12
O2 MPG K . 3.41 19.09 -16.72
C21 MPG K . 4.46 20.74 -18.07
O3 MPG K . 3.45 21.61 -17.52
CX3 MPG K . 5.40 18.42 -17.79
C2 MPG L . 9.81 20.30 -16.08
C3 MPG L . 8.42 20.77 -15.66
C4 MPG L . 8.22 22.27 -15.92
C5 MPG L . 6.88 22.75 -15.33
C6 MPG L . 6.66 24.26 -15.52
C7 MPG L . 5.24 24.56 -15.99
C8 MPG L . 4.31 25.14 -14.90
C9 MPG L . 3.45 26.29 -15.44
C10 MPG L . 2.18 26.14 -15.91
C11 MPG L . 1.44 24.80 -15.96
C12 MPG L . 0.55 24.63 -14.72
C13 MPG L . 1.04 23.53 -13.75
C14 MPG L . 0.11 23.35 -12.53
C15 MPG L . -1.34 23.71 -12.84
C16 MPG L . -2.26 23.37 -11.69
C17 MPG L . -3.69 23.61 -12.13
C18 MPG L . -4.43 24.63 -11.30
O1 MPG L . 11.98 19.60 -15.24
C1 MPG L . 10.67 20.01 -14.86
CXD MPG L . 14.32 19.66 -14.57
O2 MPG L . 14.15 18.43 -15.27
C21 MPG L . 14.71 19.46 -13.09
O3 MPG L . 16.13 19.26 -12.85
CX3 MPG L . 13.00 20.42 -14.63
C FMT M . -14.81 -1.22 -2.12
O1 FMT M . -14.35 -0.49 -3.02
O2 FMT M . -14.58 -2.42 -1.99
C1 MPD N . 1.88 -1.81 11.78
C2 MPD N . 2.51 -1.17 13.01
O2 MPD N . 2.16 0.25 13.06
CM MPD N . 1.88 -1.84 14.22
C3 MPD N . 4.04 -1.27 12.98
C4 MPD N . 4.70 -0.90 14.31
O4 MPD N . 5.73 -1.82 14.58
C5 MPD N . 5.38 0.44 14.22
C1 MPD O . 8.07 12.42 11.00
C2 MPD O . 7.08 11.92 9.96
O2 MPD O . 5.94 11.44 10.70
CM MPD O . 6.55 13.05 9.13
C3 MPD O . 7.59 10.88 8.96
C4 MPD O . 8.48 9.80 9.52
O4 MPD O . 7.89 8.53 9.19
C5 MPD O . 9.94 9.96 9.01
C1 MPD P . 14.95 -6.35 7.84
C2 MPD P . 14.28 -5.02 7.47
O2 MPD P . 12.85 -5.18 7.71
CM MPD P . 14.79 -3.84 8.29
C3 MPD P . 14.53 -4.65 6.01
C4 MPD P . 13.30 -4.21 5.25
O4 MPD P . 13.68 -3.21 4.34
C5 MPD P . 12.75 -5.42 4.46
C1 MPD Q . -13.97 -6.76 -30.21
C2 MPD Q . -14.26 -7.17 -28.78
O2 MPD Q . -14.69 -5.94 -28.11
CM MPD Q . -15.40 -8.17 -28.72
C3 MPD Q . -13.03 -7.86 -28.14
C4 MPD Q . -12.14 -6.85 -27.50
O4 MPD Q . -13.00 -6.19 -26.63
C5 MPD Q . -11.01 -7.42 -26.69
#